data_5A08
#
_entry.id   5A08
#
_cell.length_a   60.198
_cell.length_b   102.368
_cell.length_c   156.908
_cell.angle_alpha   90.00
_cell.angle_beta   90.00
_cell.angle_gamma   90.00
#
_symmetry.space_group_name_H-M   'P 21 21 21'
#
loop_
_entity.id
_entity.type
_entity.pdbx_description
1 polymer 'PROBABLE MANNOSYLTRANSFERASE KTR4'
2 non-polymer 'ACETATE ION'
3 non-polymer 'CALCIUM ION'
4 water water
#
_entity_poly.entity_id   1
_entity_poly.type   'polypeptide(L)'
_entity_poly.pdbx_seq_one_letter_code
;SMNENYLQAVKDSAKSQYASLRESYKSITGKTESADELPDHDAEVLDSIMDRLHEPLYEKDTFDPNEVLAENKQLYEEFL
LQEISEPKVDNLVRSGDPLAGKAKGTILSLVRNSDLEDIISSIQQLEEEYNKNFGYPYTFLNDEEFTDEFKDGIKSILPK
DRVVEFGTIGPDNWNMPDSIDRERYDQEMDKMSKENIQYAEVESYHNMCRFYSKEFYHHPLLSKYKYVWRLEPNVNFYCK
INYDVFQFMNKNDKIYGFVLNLYDSPQTIETLWTSTMDFVEEHPNYLNVNGAFAWLKDNSQNPKNYDYTQGYSTCHFWTN
FEIVDLDFLRSEPYEKYMQYLEEKGGFYYERWGDAPVRSLALALFADKSSIHWFRDIGYHHTPYTNCPTCPADSDRCNGN
CVPGKFTPWSDLDNQNCQATWIRHSMSEEELEMY
;
_entity_poly.pdbx_strand_id   A,B
#
# COMPACT_ATOMS: atom_id res chain seq x y z
N HIS A 41 10.95 43.10 19.87
CA HIS A 41 9.90 42.92 20.94
C HIS A 41 10.21 43.77 22.17
N ASP A 42 9.18 44.32 22.78
CA ASP A 42 9.28 44.78 24.14
C ASP A 42 10.15 43.76 24.94
N ALA A 43 11.16 44.27 25.66
CA ALA A 43 12.17 43.43 26.33
C ALA A 43 11.57 42.47 27.33
N GLU A 44 10.51 42.93 27.96
CA GLU A 44 9.84 42.12 28.93
C GLU A 44 9.07 40.94 28.26
N VAL A 45 8.44 41.19 27.12
CA VAL A 45 7.74 40.13 26.39
C VAL A 45 8.78 39.11 25.91
N LEU A 46 9.84 39.58 25.30
CA LEU A 46 10.87 38.70 24.82
C LEU A 46 11.49 37.87 25.94
N ASP A 47 11.82 38.52 27.05
CA ASP A 47 12.42 37.81 28.16
C ASP A 47 11.49 36.68 28.58
N SER A 48 10.23 36.99 28.67
CA SER A 48 9.26 36.00 29.09
C SER A 48 9.15 34.79 28.10
N ILE A 49 9.32 35.04 26.82
CA ILE A 49 9.34 33.94 25.82
C ILE A 49 10.58 33.09 26.05
N MET A 50 11.71 33.76 26.22
CA MET A 50 12.94 33.07 26.47
C MET A 50 12.87 32.24 27.73
N ASP A 51 12.22 32.74 28.76
CA ASP A 51 12.13 31.94 29.95
C ASP A 51 11.33 30.67 29.61
N ARG A 52 10.24 30.82 28.87
CA ARG A 52 9.40 29.69 28.55
C ARG A 52 10.17 28.66 27.71
N LEU A 53 11.04 29.14 26.82
CA LEU A 53 11.85 28.26 25.96
C LEU A 53 12.95 27.57 26.67
N HIS A 54 13.23 27.98 27.90
CA HIS A 54 14.34 27.44 28.64
C HIS A 54 13.90 26.71 29.87
N GLU A 55 12.62 26.41 30.00
CA GLU A 55 12.17 25.58 31.12
C GLU A 55 11.08 24.63 30.61
N PRO A 56 10.91 23.49 31.29
CA PRO A 56 9.92 22.56 30.89
C PRO A 56 8.52 23.07 31.21
N LEU A 57 7.53 22.58 30.48
CA LEU A 57 6.17 23.06 30.62
C LEU A 57 5.64 22.63 31.98
N TYR A 58 6.07 21.47 32.46
CA TYR A 58 5.65 20.96 33.74
C TYR A 58 6.89 20.64 34.55
N GLU A 59 6.85 20.98 35.84
CA GLU A 59 8.06 20.86 36.61
C GLU A 59 8.34 19.39 36.81
N LYS A 60 9.62 19.06 36.73
CA LYS A 60 10.12 17.72 36.91
C LYS A 60 9.47 17.02 38.10
N ASP A 61 9.04 15.77 37.91
CA ASP A 61 8.46 14.98 38.99
C ASP A 61 7.19 15.51 39.63
N THR A 62 6.39 16.28 38.90
CA THR A 62 5.08 16.66 39.37
C THR A 62 3.97 15.96 38.61
N PHE A 63 4.29 14.89 37.88
CA PHE A 63 3.32 14.30 36.97
C PHE A 63 3.79 12.92 36.67
N ASP A 64 2.84 12.02 36.45
CA ASP A 64 3.14 10.66 36.04
C ASP A 64 2.82 10.52 34.56
N PRO A 65 3.82 10.21 33.72
CA PRO A 65 3.54 10.08 32.27
C PRO A 65 2.38 9.14 31.89
N ASN A 66 2.15 8.10 32.67
CA ASN A 66 1.06 7.19 32.38
C ASN A 66 -0.29 7.83 32.57
N GLU A 67 -0.42 8.63 33.61
CA GLU A 67 -1.64 9.35 33.81
C GLU A 67 -1.80 10.41 32.74
N VAL A 68 -0.71 11.03 32.36
CA VAL A 68 -0.72 12.09 31.34
C VAL A 68 -1.21 11.49 30.04
N LEU A 69 -0.63 10.35 29.70
CA LEU A 69 -1.07 9.61 28.54
C LEU A 69 -2.56 9.29 28.53
N ALA A 70 -3.11 8.82 29.65
CA ALA A 70 -4.53 8.53 29.73
C ALA A 70 -5.34 9.81 29.59
N GLU A 71 -4.88 10.86 30.25
CA GLU A 71 -5.65 12.09 30.18
C GLU A 71 -5.63 12.63 28.76
N ASN A 72 -4.48 12.50 28.12
CA ASN A 72 -4.32 12.94 26.76
C ASN A 72 -5.13 12.10 25.76
N LYS A 73 -5.16 10.80 25.94
CA LYS A 73 -6.03 9.98 25.11
C LYS A 73 -7.48 10.39 25.24
N GLN A 74 -7.89 10.76 26.43
CA GLN A 74 -9.24 11.16 26.64
C GLN A 74 -9.54 12.47 25.96
N LEU A 75 -8.62 13.44 26.05
CA LEU A 75 -8.84 14.74 25.42
C LEU A 75 -8.95 14.53 23.89
N TYR A 76 -8.04 13.73 23.34
CA TYR A 76 -7.97 13.40 21.92
C TYR A 76 -9.31 12.75 21.46
N GLU A 77 -9.72 11.74 22.21
CA GLU A 77 -11.02 11.09 22.03
C GLU A 77 -12.18 12.06 22.05
N GLU A 78 -12.23 13.01 22.99
CA GLU A 78 -13.34 13.90 23.02
C GLU A 78 -13.42 14.66 21.71
N PHE A 79 -12.28 15.04 21.18
CA PHE A 79 -12.33 15.82 19.94
C PHE A 79 -12.71 14.92 18.77
N LEU A 80 -12.14 13.74 18.75
CA LEU A 80 -12.29 12.87 17.61
C LEU A 80 -13.69 12.28 17.51
N LEU A 81 -14.33 12.03 18.65
CA LEU A 81 -15.66 11.52 18.72
C LEU A 81 -16.71 12.62 18.61
N GLN A 82 -16.32 13.88 18.63
CA GLN A 82 -17.20 15.02 18.38
CA GLN A 82 -17.26 14.95 18.39
C GLN A 82 -17.60 14.96 16.89
N GLU A 83 -18.88 15.12 16.63
CA GLU A 83 -19.40 15.18 15.30
C GLU A 83 -19.05 16.45 14.71
N ILE A 84 -18.47 16.38 13.54
CA ILE A 84 -18.08 17.54 12.78
C ILE A 84 -18.40 17.38 11.32
N SER A 85 -18.34 18.49 10.60
CA SER A 85 -18.50 18.35 9.20
C SER A 85 -17.48 19.18 8.43
N GLU A 86 -17.54 20.48 8.59
CA GLU A 86 -16.59 21.36 7.94
C GLU A 86 -16.37 22.62 8.75
N PRO A 87 -15.36 23.41 8.36
CA PRO A 87 -15.01 24.54 9.16
C PRO A 87 -16.22 25.48 9.29
N LYS A 88 -16.39 26.06 10.47
CA LYS A 88 -17.52 26.92 10.81
C LYS A 88 -17.15 28.33 10.52
N VAL A 89 -16.96 28.61 9.26
CA VAL A 89 -16.69 29.95 8.79
C VAL A 89 -17.71 30.22 7.73
N ASP A 90 -17.90 31.46 7.34
CA ASP A 90 -18.97 31.77 6.37
C ASP A 90 -18.41 32.02 4.94
N ASN A 91 -17.10 31.98 4.75
CA ASN A 91 -16.48 32.27 3.47
C ASN A 91 -16.10 31.00 2.62
N LEU A 92 -16.69 29.83 2.88
CA LEU A 92 -16.23 28.62 2.17
C LEU A 92 -16.53 28.70 0.69
N VAL A 93 -15.54 28.35 -0.13
CA VAL A 93 -15.66 28.40 -1.57
C VAL A 93 -16.09 27.04 -2.07
N ARG A 94 -17.29 26.98 -2.62
CA ARG A 94 -17.86 25.76 -3.15
C ARG A 94 -17.42 25.47 -4.55
N SER A 95 -17.57 24.21 -4.88
CA SER A 95 -17.24 23.74 -6.20
C SER A 95 -18.00 24.55 -7.23
N GLY A 96 -17.35 25.09 -8.24
CA GLY A 96 -18.10 25.95 -9.17
C GLY A 96 -18.46 27.39 -8.74
N ASP A 97 -18.18 27.79 -7.51
CA ASP A 97 -18.18 29.23 -7.18
C ASP A 97 -17.05 29.86 -8.00
N PRO A 98 -17.11 31.17 -8.22
CA PRO A 98 -16.09 31.78 -9.03
C PRO A 98 -14.68 31.55 -8.48
N LEU A 99 -14.51 31.55 -7.16
CA LEU A 99 -13.17 31.41 -6.60
C LEU A 99 -12.67 29.95 -6.55
N ALA A 100 -13.49 28.97 -6.94
CA ALA A 100 -13.08 27.58 -6.85
C ALA A 100 -12.02 27.32 -7.86
N GLY A 101 -10.89 26.77 -7.39
CA GLY A 101 -9.84 26.40 -8.28
C GLY A 101 -8.96 27.55 -8.57
N LYS A 102 -9.21 28.73 -8.00
CA LYS A 102 -8.40 29.90 -8.40
C LYS A 102 -7.22 30.19 -7.51
N ALA A 103 -7.01 29.47 -6.41
CA ALA A 103 -5.85 29.77 -5.59
C ALA A 103 -4.66 29.39 -6.36
N LYS A 104 -3.53 30.02 -6.06
CA LYS A 104 -2.27 29.66 -6.70
C LYS A 104 -1.63 28.49 -5.95
N GLY A 105 -2.08 27.31 -6.30
CA GLY A 105 -1.84 26.12 -5.50
C GLY A 105 -1.65 24.87 -6.35
N THR A 106 -0.90 23.92 -5.81
CA THR A 106 -0.69 22.64 -6.51
C THR A 106 -0.59 21.56 -5.46
N ILE A 107 -0.88 20.37 -5.86
CA ILE A 107 -0.65 19.21 -5.09
C ILE A 107 0.73 18.77 -5.50
N LEU A 108 1.59 18.56 -4.54
CA LEU A 108 3.00 18.31 -4.80
C LEU A 108 3.36 16.94 -4.36
N SER A 109 3.97 16.13 -5.24
CA SER A 109 4.55 14.86 -4.83
C SER A 109 5.99 14.74 -5.21
N LEU A 110 6.80 14.38 -4.23
CA LEU A 110 8.18 14.01 -4.44
C LEU A 110 8.21 12.51 -4.60
N VAL A 111 8.64 12.02 -5.77
CA VAL A 111 8.56 10.62 -6.09
C VAL A 111 9.81 10.14 -6.85
N ARG A 112 10.03 8.84 -6.75
CA ARG A 112 10.93 8.09 -7.63
C ARG A 112 10.04 7.36 -8.63
N ASN A 113 10.58 6.93 -9.79
CA ASN A 113 9.78 6.24 -10.81
C ASN A 113 9.10 4.98 -10.29
N SER A 114 9.74 4.30 -9.37
CA SER A 114 9.19 3.10 -8.81
C SER A 114 7.98 3.35 -7.90
N ASP A 115 7.71 4.59 -7.51
CA ASP A 115 6.55 4.93 -6.69
C ASP A 115 5.25 5.03 -7.48
N LEU A 116 5.31 4.88 -8.79
CA LEU A 116 4.18 5.13 -9.64
C LEU A 116 2.88 4.57 -9.13
N GLU A 117 2.88 3.31 -8.78
CA GLU A 117 1.61 2.68 -8.41
C GLU A 117 1.09 3.16 -7.03
N ASP A 118 2.00 3.38 -6.10
CA ASP A 118 1.68 3.93 -4.78
C ASP A 118 1.21 5.35 -4.82
N ILE A 119 1.84 6.20 -5.62
CA ILE A 119 1.32 7.56 -5.73
C ILE A 119 0.01 7.62 -6.48
N ILE A 120 -0.19 6.70 -7.43
CA ILE A 120 -1.48 6.69 -8.11
C ILE A 120 -2.58 6.37 -7.11
N SER A 121 -2.33 5.44 -6.21
CA SER A 121 -3.29 5.06 -5.18
C SER A 121 -3.66 6.31 -4.35
N SER A 122 -2.66 7.08 -3.94
CA SER A 122 -2.89 8.30 -3.19
C SER A 122 -3.67 9.33 -4.00
N ILE A 123 -3.26 9.49 -5.25
CA ILE A 123 -3.92 10.47 -6.16
C ILE A 123 -5.40 10.16 -6.38
N GLN A 124 -5.71 8.93 -6.64
CA GLN A 124 -7.09 8.55 -6.84
C GLN A 124 -7.98 8.85 -5.63
N GLN A 125 -7.46 8.60 -4.44
CA GLN A 125 -8.19 8.93 -3.26
C GLN A 125 -8.30 10.42 -3.06
N LEU A 126 -7.23 11.15 -3.34
CA LEU A 126 -7.29 12.59 -3.24
C LEU A 126 -8.32 13.11 -4.21
N GLU A 127 -8.36 12.59 -5.42
CA GLU A 127 -9.27 13.10 -6.41
C GLU A 127 -10.71 12.83 -5.96
N GLU A 128 -10.94 11.61 -5.47
CA GLU A 128 -12.27 11.13 -5.15
C GLU A 128 -12.84 11.92 -3.97
N GLU A 129 -12.03 12.16 -2.94
CA GLU A 129 -12.46 12.89 -1.75
C GLU A 129 -12.37 14.40 -1.88
N TYR A 130 -11.66 14.92 -2.86
CA TYR A 130 -11.48 16.35 -2.93
C TYR A 130 -11.33 16.91 -4.31
N ASN A 131 -10.23 16.56 -4.95
CA ASN A 131 -9.80 17.36 -6.08
C ASN A 131 -10.61 17.19 -7.36
N LYS A 132 -11.37 16.12 -7.48
CA LYS A 132 -12.23 16.04 -8.66
C LYS A 132 -13.22 17.20 -8.75
N ASN A 133 -13.53 17.87 -7.65
CA ASN A 133 -14.44 19.01 -7.69
C ASN A 133 -13.76 20.33 -7.74
N PHE A 134 -12.43 20.32 -7.69
CA PHE A 134 -11.70 21.58 -7.65
C PHE A 134 -10.64 21.69 -8.67
N GLY A 135 -10.08 20.57 -9.09
CA GLY A 135 -9.20 20.63 -10.24
C GLY A 135 -7.84 21.29 -10.09
N TYR A 136 -7.29 21.33 -8.88
CA TYR A 136 -5.95 21.88 -8.69
C TYR A 136 -4.95 20.97 -9.39
N PRO A 137 -3.83 21.54 -9.87
CA PRO A 137 -2.85 20.73 -10.62
C PRO A 137 -1.96 19.91 -9.74
N TYR A 138 -1.26 18.98 -10.38
CA TYR A 138 -0.23 18.21 -9.70
C TYR A 138 1.10 18.61 -10.24
N THR A 139 2.02 18.76 -9.30
CA THR A 139 3.41 18.92 -9.58
C THR A 139 4.14 17.74 -8.97
N PHE A 140 4.94 17.05 -9.78
CA PHE A 140 5.75 15.91 -9.38
C PHE A 140 7.21 16.30 -9.50
N LEU A 141 8.00 16.02 -8.47
CA LEU A 141 9.40 16.27 -8.49
C LEU A 141 10.12 14.99 -8.17
N ASN A 142 11.35 14.90 -8.69
CA ASN A 142 12.16 13.72 -8.58
C ASN A 142 13.60 14.12 -8.59
N ASP A 143 14.41 13.42 -7.83
CA ASP A 143 15.82 13.71 -7.85
C ASP A 143 16.44 13.04 -9.06
N GLU A 144 15.74 12.09 -9.66
CA GLU A 144 16.17 11.47 -10.92
C GLU A 144 15.23 11.96 -11.99
N GLU A 145 15.56 11.66 -13.22
CA GLU A 145 14.74 11.96 -14.35
C GLU A 145 13.52 11.10 -14.35
N PHE A 146 12.40 11.71 -14.69
CA PHE A 146 11.17 10.96 -14.85
C PHE A 146 11.18 10.18 -16.14
N THR A 147 10.66 8.95 -16.17
CA THR A 147 10.52 8.23 -17.40
C THR A 147 9.20 8.59 -18.00
N ASP A 148 9.06 8.35 -19.30
CA ASP A 148 7.82 8.57 -19.99
C ASP A 148 6.71 7.66 -19.46
N GLU A 149 7.05 6.45 -19.04
CA GLU A 149 6.01 5.55 -18.57
C GLU A 149 5.47 6.04 -17.23
N PHE A 150 6.31 6.63 -16.41
CA PHE A 150 5.81 7.25 -15.19
C PHE A 150 4.79 8.31 -15.55
N LYS A 151 5.18 9.20 -16.44
CA LYS A 151 4.31 10.31 -16.82
C LYS A 151 3.01 9.91 -17.47
N ASP A 152 3.08 8.99 -18.41
CA ASP A 152 1.86 8.48 -19.02
C ASP A 152 1.02 7.73 -17.98
N GLY A 153 1.65 7.02 -17.06
CA GLY A 153 0.84 6.26 -16.05
C GLY A 153 0.03 7.25 -15.23
N ILE A 154 0.70 8.34 -14.85
CA ILE A 154 0.03 9.39 -14.08
C ILE A 154 -1.09 10.00 -14.88
N LYS A 155 -0.78 10.37 -16.13
CA LYS A 155 -1.80 10.98 -16.96
C LYS A 155 -2.99 10.08 -17.20
N SER A 156 -2.74 8.79 -17.32
CA SER A 156 -3.82 7.87 -17.66
C SER A 156 -4.84 7.68 -16.55
N ILE A 157 -4.51 8.04 -15.32
CA ILE A 157 -5.47 7.86 -14.23
C ILE A 157 -6.08 9.19 -13.78
N LEU A 158 -5.75 10.29 -14.45
CA LEU A 158 -6.38 11.59 -14.14
C LEU A 158 -7.27 12.02 -15.23
N PRO A 159 -8.23 12.91 -14.94
CA PRO A 159 -9.03 13.42 -16.07
C PRO A 159 -8.14 14.06 -17.09
N LYS A 160 -8.63 14.12 -18.30
CA LYS A 160 -7.87 14.60 -19.43
C LYS A 160 -7.47 16.04 -19.28
N ASP A 161 -8.31 16.82 -18.61
CA ASP A 161 -8.03 18.26 -18.42
C ASP A 161 -7.19 18.57 -17.16
N ARG A 162 -6.79 17.58 -16.39
CA ARG A 162 -6.02 17.85 -15.18
C ARG A 162 -4.63 18.21 -15.57
N VAL A 163 -4.14 19.31 -15.05
CA VAL A 163 -2.79 19.74 -15.31
C VAL A 163 -1.80 19.01 -14.40
N VAL A 164 -0.74 18.48 -15.00
CA VAL A 164 0.36 17.85 -14.30
C VAL A 164 1.69 18.41 -14.81
N GLU A 165 2.64 18.60 -13.95
CA GLU A 165 3.95 18.99 -14.38
C GLU A 165 4.93 18.10 -13.71
N PHE A 166 6.00 17.76 -14.40
CA PHE A 166 7.02 16.89 -13.86
C PHE A 166 8.33 17.60 -13.89
N GLY A 167 9.12 17.51 -12.84
CA GLY A 167 10.36 18.29 -12.78
C GLY A 167 11.42 17.54 -12.02
N THR A 168 12.63 17.68 -12.48
CA THR A 168 13.77 17.08 -11.89
C THR A 168 14.38 18.09 -10.96
N ILE A 169 15.04 17.59 -9.94
CA ILE A 169 15.74 18.44 -8.98
C ILE A 169 17.19 18.44 -9.36
N GLY A 170 17.74 19.63 -9.54
CA GLY A 170 19.15 19.73 -9.91
C GLY A 170 20.00 19.07 -8.82
N PRO A 171 21.08 18.38 -9.21
CA PRO A 171 21.94 17.66 -8.26
C PRO A 171 22.44 18.57 -7.16
N ASP A 172 22.75 19.82 -7.48
CA ASP A 172 23.16 20.78 -6.45
C ASP A 172 22.06 21.20 -5.48
N ASN A 173 20.80 20.92 -5.80
CA ASN A 173 19.73 21.24 -4.87
C ASN A 173 19.20 20.02 -4.16
N TRP A 174 19.93 18.93 -4.29
CA TRP A 174 19.60 17.66 -3.66
C TRP A 174 20.79 17.04 -2.92
N ASN A 175 21.95 17.04 -3.57
CA ASN A 175 23.05 16.19 -3.11
C ASN A 175 23.69 16.78 -1.88
N MET A 176 24.26 15.91 -1.07
CA MET A 176 25.09 16.31 0.06
C MET A 176 26.00 17.39 -0.42
N PRO A 177 25.99 18.56 0.24
CA PRO A 177 26.87 19.64 -0.21
C PRO A 177 28.32 19.40 0.19
N ASP A 178 29.20 20.13 -0.46
CA ASP A 178 30.63 20.17 -0.14
C ASP A 178 30.93 20.46 1.32
N SER A 179 30.13 21.35 1.91
CA SER A 179 30.31 21.77 3.29
C SER A 179 30.25 20.62 4.26
N ILE A 180 29.93 19.42 3.79
CA ILE A 180 29.83 18.30 4.69
C ILE A 180 31.05 17.45 4.55
N ASP A 181 31.64 17.06 5.67
CA ASP A 181 32.77 16.18 5.66
C ASP A 181 32.23 14.77 5.60
N ARG A 182 32.38 14.14 4.44
CA ARG A 182 31.76 12.84 4.22
C ARG A 182 32.18 11.73 5.19
N GLU A 183 33.43 11.71 5.60
CA GLU A 183 33.92 10.63 6.46
C GLU A 183 33.35 10.84 7.86
N ARG A 184 33.27 12.10 8.26
CA ARG A 184 32.51 12.43 9.46
C ARG A 184 31.03 11.94 9.38
N TYR A 185 30.37 12.23 8.26
CA TYR A 185 29.06 11.68 7.96
C TYR A 185 29.04 10.16 8.13
N ASP A 186 30.03 9.47 7.53
CA ASP A 186 30.00 8.01 7.50
C ASP A 186 30.14 7.47 8.94
N GLN A 187 31.01 8.12 9.71
CA GLN A 187 31.20 7.73 11.11
C GLN A 187 29.94 7.95 11.94
N GLU A 188 29.35 9.14 11.82
CA GLU A 188 28.14 9.43 12.59
C GLU A 188 27.02 8.51 12.21
N MET A 189 26.86 8.23 10.91
CA MET A 189 25.78 7.36 10.49
C MET A 189 26.02 5.90 10.80
N ASP A 190 27.29 5.54 10.96
CA ASP A 190 27.62 4.20 11.39
C ASP A 190 27.12 4.02 12.81
N LYS A 191 27.52 4.96 13.68
CA LYS A 191 27.02 4.93 15.08
C LYS A 191 25.51 4.86 15.14
N MET A 192 24.89 5.79 14.42
CA MET A 192 23.43 5.82 14.37
C MET A 192 22.83 4.49 13.94
N SER A 193 23.42 3.79 12.98
CA SER A 193 22.79 2.56 12.50
C SER A 193 22.88 1.45 13.56
N LYS A 194 23.97 1.41 14.33
CA LYS A 194 24.10 0.45 15.46
C LYS A 194 22.99 0.67 16.46
N GLU A 195 22.59 1.93 16.64
CA GLU A 195 21.39 2.33 17.44
C GLU A 195 20.08 1.95 16.78
N ASN A 196 20.10 1.47 15.53
CA ASN A 196 18.87 1.07 14.78
C ASN A 196 17.99 2.25 14.38
N ILE A 197 18.58 3.41 14.19
CA ILE A 197 17.83 4.59 13.77
C ILE A 197 17.55 4.43 12.30
N GLN A 198 16.26 4.37 11.98
CA GLN A 198 15.85 4.21 10.59
C GLN A 198 16.57 5.11 9.59
N TYR A 199 17.01 4.52 8.49
CA TYR A 199 17.57 5.31 7.40
C TYR A 199 18.83 6.09 7.74
N ALA A 200 19.46 5.82 8.86
CA ALA A 200 20.75 6.44 9.18
C ALA A 200 21.70 6.44 7.97
N GLU A 201 21.83 5.29 7.34
CA GLU A 201 22.85 5.13 6.31
C GLU A 201 22.35 5.39 4.89
N VAL A 202 21.09 5.76 4.77
CA VAL A 202 20.48 6.02 3.49
C VAL A 202 20.69 7.50 3.18
N GLU A 203 21.71 7.75 2.38
CA GLU A 203 22.09 9.09 2.06
C GLU A 203 20.91 9.83 1.43
N SER A 204 20.18 9.15 0.57
CA SER A 204 19.13 9.84 -0.18
C SER A 204 17.97 10.26 0.77
N TYR A 205 17.78 9.54 1.88
CA TYR A 205 16.85 9.95 2.93
C TYR A 205 17.28 11.26 3.58
N HIS A 206 18.57 11.41 3.87
CA HIS A 206 19.04 12.69 4.35
C HIS A 206 18.77 13.75 3.34
N ASN A 207 19.05 13.46 2.09
CA ASN A 207 18.86 14.48 1.08
C ASN A 207 17.42 14.91 1.00
N MET A 208 16.53 13.90 1.10
CA MET A 208 15.07 14.14 1.04
C MET A 208 14.64 15.06 2.19
N CYS A 209 15.04 14.73 3.41
CA CYS A 209 14.69 15.53 4.60
C CYS A 209 15.15 16.98 4.46
N ARG A 210 16.38 17.15 4.01
CA ARG A 210 16.92 18.48 3.75
C ARG A 210 16.17 19.20 2.65
N PHE A 211 15.91 18.44 1.58
CA PHE A 211 15.22 18.99 0.45
C PHE A 211 13.86 19.51 0.87
N TYR A 212 13.13 18.65 1.57
CA TYR A 212 11.79 19.03 1.95
C TYR A 212 11.78 20.11 3.02
N SER A 213 12.86 20.21 3.77
CA SER A 213 12.98 21.31 4.75
C SER A 213 13.17 22.64 4.10
N LYS A 214 14.16 22.73 3.21
CA LYS A 214 14.70 24.04 2.78
C LYS A 214 14.79 24.32 1.30
N GLU A 215 14.45 23.37 0.44
CA GLU A 215 14.73 23.51 -0.99
C GLU A 215 13.52 23.38 -1.88
N PHE A 216 12.55 22.51 -1.54
CA PHE A 216 11.48 22.21 -2.50
C PHE A 216 10.83 23.46 -3.03
N TYR A 217 10.58 24.44 -2.16
CA TYR A 217 9.79 25.60 -2.52
C TYR A 217 10.58 26.54 -3.44
N HIS A 218 11.88 26.29 -3.60
CA HIS A 218 12.68 27.04 -4.55
C HIS A 218 12.66 26.41 -5.94
N HIS A 219 12.07 25.24 -6.11
CA HIS A 219 12.08 24.58 -7.42
C HIS A 219 11.40 25.48 -8.45
N PRO A 220 11.99 25.55 -9.65
CA PRO A 220 11.37 26.45 -10.64
C PRO A 220 9.86 26.25 -10.88
N LEU A 221 9.39 25.01 -10.87
CA LEU A 221 7.97 24.71 -11.08
C LEU A 221 7.05 25.24 -10.02
N LEU A 222 7.61 25.50 -8.83
CA LEU A 222 6.83 25.99 -7.70
C LEU A 222 6.87 27.49 -7.49
N SER A 223 7.67 28.14 -8.29
CA SER A 223 7.77 29.57 -8.25
C SER A 223 6.40 30.21 -8.41
N LYS A 224 5.55 29.65 -9.26
CA LYS A 224 4.27 30.29 -9.54
C LYS A 224 3.15 29.97 -8.55
N TYR A 225 3.47 29.25 -7.49
CA TYR A 225 2.44 28.87 -6.54
C TYR A 225 2.66 29.51 -5.18
N LYS A 226 1.56 29.87 -4.57
CA LYS A 226 1.55 30.31 -3.19
C LYS A 226 1.31 29.10 -2.21
N TYR A 227 0.50 28.12 -2.65
CA TYR A 227 0.14 26.94 -1.80
C TYR A 227 0.54 25.64 -2.37
N VAL A 228 0.92 24.73 -1.47
CA VAL A 228 1.16 23.34 -1.81
C VAL A 228 0.39 22.44 -0.88
N TRP A 229 -0.19 21.38 -1.44
CA TRP A 229 -0.75 20.27 -0.69
C TRP A 229 0.24 19.13 -0.99
N ARG A 230 1.06 18.80 -0.01
CA ARG A 230 1.96 17.71 -0.13
C ARG A 230 1.29 16.34 -0.02
N LEU A 231 1.68 15.48 -0.93
CA LEU A 231 1.06 14.18 -1.08
C LEU A 231 2.19 13.18 -1.13
N GLU A 232 2.02 12.09 -0.42
CA GLU A 232 3.01 11.03 -0.41
C GLU A 232 2.37 9.77 -1.01
N PRO A 233 3.19 8.83 -1.46
CA PRO A 233 2.64 7.53 -1.88
C PRO A 233 1.97 6.73 -0.80
N ASN A 234 0.99 5.90 -1.18
CA ASN A 234 0.41 4.95 -0.28
CA ASN A 234 0.42 4.91 -0.27
C ASN A 234 -0.31 5.54 0.93
N VAL A 235 -1.08 6.58 0.69
CA VAL A 235 -1.89 7.16 1.76
C VAL A 235 -3.35 7.00 1.41
N ASN A 236 -4.20 7.26 2.40
CA ASN A 236 -5.64 7.18 2.29
C ASN A 236 -6.33 8.46 2.72
N PHE A 237 -7.41 8.81 2.00
CA PHE A 237 -8.29 9.84 2.39
C PHE A 237 -9.66 9.20 2.53
N TYR A 238 -10.36 9.55 3.61
CA TYR A 238 -11.62 8.95 3.92
C TYR A 238 -12.88 9.80 3.78
N CYS A 239 -12.78 11.11 3.64
CA CYS A 239 -13.93 11.96 3.81
C CYS A 239 -13.94 13.03 2.76
N LYS A 240 -15.14 13.31 2.23
CA LYS A 240 -15.35 14.35 1.23
C LYS A 240 -15.10 15.72 1.80
N ILE A 241 -14.39 16.50 1.04
CA ILE A 241 -14.07 17.88 1.41
C ILE A 241 -14.77 18.70 0.32
N ASN A 242 -15.77 19.50 0.68
CA ASN A 242 -16.61 20.17 -0.33
C ASN A 242 -16.40 21.65 -0.30
N TYR A 243 -15.20 22.05 0.10
CA TYR A 243 -14.82 23.43 -0.02
C TYR A 243 -13.39 23.45 -0.50
N ASP A 244 -13.00 24.59 -1.08
CA ASP A 244 -11.69 24.81 -1.63
C ASP A 244 -10.72 25.04 -0.49
N VAL A 245 -9.83 24.06 -0.30
CA VAL A 245 -8.93 24.08 0.81
C VAL A 245 -7.96 25.26 0.77
N PHE A 246 -7.34 25.48 -0.38
CA PHE A 246 -6.43 26.59 -0.48
C PHE A 246 -7.12 27.94 -0.27
N GLN A 247 -8.33 28.09 -0.77
CA GLN A 247 -9.05 29.31 -0.57
C GLN A 247 -9.46 29.46 0.90
N PHE A 248 -9.80 28.34 1.56
CA PHE A 248 -10.06 28.40 2.99
C PHE A 248 -8.86 28.92 3.73
N MET A 249 -7.67 28.48 3.34
CA MET A 249 -6.46 28.88 4.01
C MET A 249 -6.31 30.40 3.85
N ASN A 250 -6.48 30.83 2.61
CA ASN A 250 -6.16 32.20 2.23
C ASN A 250 -7.14 33.20 2.90
N LYS A 251 -8.42 32.89 2.83
CA LYS A 251 -9.46 33.71 3.42
C LYS A 251 -9.36 33.77 4.93
N ASN A 252 -8.82 32.74 5.59
CA ASN A 252 -8.79 32.77 7.04
C ASN A 252 -7.41 32.87 7.59
N ASP A 253 -6.51 33.34 6.77
CA ASP A 253 -5.14 33.56 7.18
C ASP A 253 -4.42 32.40 7.83
N LYS A 254 -4.56 31.21 7.24
CA LYS A 254 -3.78 30.10 7.74
C LYS A 254 -2.61 29.88 6.85
N ILE A 255 -1.46 29.73 7.44
CA ILE A 255 -0.30 29.50 6.67
C ILE A 255 0.02 28.01 6.61
N TYR A 256 -0.64 27.18 7.42
CA TYR A 256 -0.27 25.77 7.53
C TYR A 256 -1.45 24.95 7.95
N GLY A 257 -1.57 23.76 7.38
CA GLY A 257 -2.61 22.83 7.78
C GLY A 257 -2.06 21.44 7.92
N PHE A 258 -2.51 20.76 8.96
CA PHE A 258 -1.99 19.46 9.32
C PHE A 258 -3.15 18.58 9.77
N VAL A 259 -2.90 17.28 9.85
CA VAL A 259 -3.92 16.33 10.28
C VAL A 259 -3.40 15.48 11.45
N LEU A 260 -2.09 15.26 11.51
CA LEU A 260 -1.50 14.41 12.56
C LEU A 260 -0.33 15.14 13.18
N ASN A 261 -0.07 14.82 14.41
CA ASN A 261 0.79 15.59 15.25
C ASN A 261 1.47 14.62 16.18
N LEU A 262 2.79 14.45 16.07
CA LEU A 262 3.49 13.32 16.70
C LEU A 262 4.72 13.68 17.45
N TYR A 263 5.12 12.78 18.32
CA TYR A 263 6.48 12.77 18.91
C TYR A 263 7.47 12.20 17.88
N ASP A 264 8.70 12.69 17.91
CA ASP A 264 9.74 12.21 17.01
C ASP A 264 10.67 11.32 17.75
N SER A 265 11.54 10.68 17.00
CA SER A 265 12.59 9.86 17.63
C SER A 265 13.70 10.81 18.03
N PRO A 266 13.94 10.94 19.34
CA PRO A 266 14.90 11.96 19.80
C PRO A 266 16.33 11.78 19.24
N GLN A 267 16.77 10.54 19.04
CA GLN A 267 18.14 10.27 18.57
C GLN A 267 18.35 10.72 17.15
N THR A 268 17.28 10.98 16.39
CA THR A 268 17.44 11.53 15.05
C THR A 268 17.79 13.01 15.12
N ILE A 269 17.53 13.67 16.24
CA ILE A 269 17.61 15.14 16.30
C ILE A 269 18.30 15.66 17.59
N GLU A 270 19.41 15.03 17.94
CA GLU A 270 20.11 15.31 19.19
C GLU A 270 20.37 16.77 19.48
N THR A 271 20.84 17.52 18.50
CA THR A 271 21.19 18.93 18.71
C THR A 271 20.37 19.89 17.88
N LEU A 272 19.27 19.41 17.33
CA LEU A 272 18.38 20.29 16.57
C LEU A 272 17.79 21.38 17.43
N TRP A 273 17.29 21.00 18.59
CA TRP A 273 16.72 22.00 19.49
C TRP A 273 17.72 22.98 19.98
N THR A 274 18.83 22.47 20.53
CA THR A 274 19.87 23.36 21.06
C THR A 274 20.42 24.31 20.02
N SER A 275 20.64 23.85 18.81
CA SER A 275 21.09 24.76 17.75
C SER A 275 20.02 25.79 17.41
N THR A 276 18.76 25.33 17.44
CA THR A 276 17.64 26.17 17.18
C THR A 276 17.54 27.26 18.27
N MET A 277 17.76 26.92 19.51
CA MET A 277 17.83 27.91 20.58
C MET A 277 18.97 28.94 20.32
N ASP A 278 20.15 28.48 19.92
CA ASP A 278 21.27 29.42 19.57
C ASP A 278 20.84 30.36 18.48
N PHE A 279 20.14 29.85 17.47
CA PHE A 279 19.61 30.68 16.41
C PHE A 279 18.62 31.72 16.89
N VAL A 280 17.67 31.26 17.70
CA VAL A 280 16.65 32.16 18.25
C VAL A 280 17.29 33.27 19.15
N GLU A 281 18.26 32.88 19.98
CA GLU A 281 18.96 33.88 20.84
C GLU A 281 19.66 34.91 19.94
N GLU A 282 20.20 34.52 18.78
CA GLU A 282 20.74 35.52 17.82
C GLU A 282 19.69 36.32 17.06
N HIS A 283 18.46 35.81 16.92
CA HIS A 283 17.48 36.52 16.12
C HIS A 283 16.14 36.55 16.85
N PRO A 284 16.11 37.15 18.04
CA PRO A 284 14.88 37.17 18.83
C PRO A 284 13.73 37.88 18.13
N ASN A 285 14.03 38.79 17.24
CA ASN A 285 13.01 39.48 16.49
C ASN A 285 12.23 38.53 15.53
N TYR A 286 12.75 37.33 15.26
CA TYR A 286 12.02 36.35 14.44
C TYR A 286 10.90 35.64 15.22
N LEU A 287 10.99 35.65 16.56
CA LEU A 287 9.98 35.01 17.36
C LEU A 287 8.64 35.71 17.17
N ASN A 288 7.57 34.93 17.10
CA ASN A 288 6.24 35.49 17.12
C ASN A 288 5.76 35.39 18.57
N VAL A 289 5.15 36.45 19.06
CA VAL A 289 4.76 36.44 20.45
C VAL A 289 3.73 35.36 20.74
N ASN A 290 2.96 34.94 19.74
CA ASN A 290 1.95 33.89 19.92
CA ASN A 290 1.94 33.92 19.92
C ASN A 290 2.38 32.58 19.32
N GLY A 291 3.69 32.35 19.31
CA GLY A 291 4.25 31.06 18.92
C GLY A 291 3.72 29.90 19.73
N ALA A 292 3.85 28.68 19.21
CA ALA A 292 3.36 27.48 19.90
C ALA A 292 4.37 26.99 20.93
N PHE A 293 4.69 27.84 21.89
CA PHE A 293 5.78 27.54 22.75
C PHE A 293 5.51 26.38 23.66
N ALA A 294 4.29 26.27 24.18
CA ALA A 294 4.01 25.18 25.12
C ALA A 294 4.11 23.82 24.47
N TRP A 295 3.67 23.75 23.21
CA TRP A 295 3.75 22.52 22.43
C TRP A 295 5.19 22.05 22.31
N LEU A 296 6.11 22.98 22.05
CA LEU A 296 7.54 22.66 22.02
C LEU A 296 8.15 22.17 23.32
N LYS A 297 7.50 22.55 24.45
CA LYS A 297 8.09 22.33 25.77
C LYS A 297 7.37 21.31 26.63
N ASP A 298 6.34 20.66 26.10
CA ASP A 298 5.62 19.69 26.87
C ASP A 298 6.43 18.45 27.07
N ASN A 299 6.87 18.27 28.31
CA ASN A 299 7.66 17.16 28.75
C ASN A 299 6.85 16.12 29.50
N SER A 300 5.55 16.31 29.60
CA SER A 300 4.73 15.48 30.52
C SER A 300 4.39 14.09 30.02
N GLN A 301 4.32 13.89 28.71
CA GLN A 301 3.96 12.54 28.18
C GLN A 301 5.22 11.70 27.86
N ASN A 302 6.22 12.32 27.28
CA ASN A 302 7.47 11.62 26.98
C ASN A 302 8.65 12.43 27.53
N PRO A 303 8.82 12.46 28.86
CA PRO A 303 9.88 13.26 29.45
C PRO A 303 11.28 12.84 28.94
N LYS A 304 11.44 11.57 28.57
CA LYS A 304 12.75 11.12 27.99
C LYS A 304 13.08 11.82 26.69
N ASN A 305 12.05 12.13 25.89
CA ASN A 305 12.31 12.80 24.63
C ASN A 305 12.80 14.20 24.98
N TYR A 306 12.11 14.84 25.94
CA TYR A 306 12.49 16.19 26.37
C TYR A 306 13.91 16.24 26.96
N ASP A 307 14.27 15.30 27.82
CA ASP A 307 15.66 15.26 28.38
C ASP A 307 16.70 15.02 27.29
N TYR A 308 16.40 14.11 26.37
CA TYR A 308 17.39 13.71 25.37
C TYR A 308 17.74 14.92 24.52
N THR A 309 16.74 15.71 24.18
CA THR A 309 17.02 16.87 23.34
C THR A 309 17.39 18.12 24.12
N GLN A 310 17.36 18.03 25.43
CA GLN A 310 17.61 19.20 26.33
C GLN A 310 16.64 20.32 26.11
N GLY A 311 15.35 19.98 25.98
CA GLY A 311 14.31 21.02 25.96
C GLY A 311 13.24 20.96 24.91
N TYR A 312 13.25 19.95 24.02
CA TYR A 312 12.21 19.88 22.99
C TYR A 312 11.36 18.70 23.20
N SER A 313 10.04 18.90 23.22
CA SER A 313 9.11 17.76 23.31
C SER A 313 9.31 16.71 22.19
N THR A 314 9.82 17.17 21.06
CA THR A 314 9.96 16.45 19.77
C THR A 314 8.56 16.43 19.06
N CYS A 315 7.59 17.19 19.55
CA CYS A 315 6.31 17.24 18.87
C CYS A 315 6.48 17.92 17.58
N HIS A 316 5.79 17.39 16.57
CA HIS A 316 5.87 17.95 15.22
C HIS A 316 4.65 17.59 14.39
N PHE A 317 4.38 18.43 13.41
CA PHE A 317 3.34 18.14 12.46
C PHE A 317 3.88 17.01 11.57
N TRP A 318 3.06 16.00 11.31
CA TRP A 318 3.50 14.86 10.53
C TRP A 318 3.38 15.19 9.06
N THR A 319 4.48 15.71 8.55
CA THR A 319 4.49 16.36 7.25
C THR A 319 4.23 15.53 6.01
N ASN A 320 4.08 14.22 6.12
CA ASN A 320 3.66 13.51 4.87
C ASN A 320 2.36 14.01 4.32
N PHE A 321 1.52 14.62 5.16
CA PHE A 321 0.46 15.47 4.71
C PHE A 321 0.79 16.86 5.21
N GLU A 322 0.72 17.84 4.33
CA GLU A 322 0.73 19.22 4.80
C GLU A 322 0.14 20.14 3.73
N ILE A 323 -0.55 21.18 4.18
CA ILE A 323 -1.03 22.23 3.35
C ILE A 323 -0.21 23.43 3.81
N VAL A 324 0.58 23.99 2.90
CA VAL A 324 1.51 25.01 3.31
CA VAL A 324 1.61 24.95 3.24
C VAL A 324 1.48 26.24 2.41
N ASP A 325 1.44 27.39 3.08
CA ASP A 325 1.58 28.71 2.47
C ASP A 325 3.08 28.93 2.28
N LEU A 326 3.52 28.86 1.04
CA LEU A 326 4.94 29.01 0.72
C LEU A 326 5.54 30.41 1.05
N ASP A 327 4.72 31.43 1.23
CA ASP A 327 5.25 32.75 1.61
C ASP A 327 5.89 32.66 2.96
N PHE A 328 5.38 31.78 3.82
CA PHE A 328 6.07 31.56 5.06
C PHE A 328 7.45 30.95 4.88
N LEU A 329 7.52 29.92 4.04
CA LEU A 329 8.79 29.25 3.84
C LEU A 329 9.79 30.19 3.11
N ARG A 330 9.25 31.06 2.27
CA ARG A 330 10.08 32.02 1.54
C ARG A 330 10.41 33.27 2.39
N SER A 331 9.84 33.38 3.59
CA SER A 331 10.06 34.53 4.46
C SER A 331 11.45 34.46 5.11
N GLU A 332 11.92 35.63 5.53
CA GLU A 332 13.23 35.76 6.10
C GLU A 332 13.45 34.86 7.30
N PRO A 333 12.52 34.85 8.27
CA PRO A 333 12.84 33.98 9.40
C PRO A 333 13.05 32.51 8.99
N TYR A 334 12.19 32.01 8.10
CA TYR A 334 12.30 30.60 7.67
C TYR A 334 13.56 30.37 6.82
N GLU A 335 13.82 31.24 5.85
CA GLU A 335 15.08 31.09 5.05
C GLU A 335 16.34 31.22 5.90
N LYS A 336 16.37 32.17 6.81
CA LYS A 336 17.56 32.31 7.66
C LYS A 336 17.73 31.10 8.56
N TYR A 337 16.62 30.59 9.10
CA TYR A 337 16.72 29.41 9.94
C TYR A 337 17.29 28.23 9.13
N MET A 338 16.81 28.06 7.92
CA MET A 338 17.33 26.95 7.10
C MET A 338 18.85 27.08 6.86
N GLN A 339 19.29 28.30 6.53
CA GLN A 339 20.72 28.51 6.26
C GLN A 339 21.53 28.15 7.49
N TYR A 340 21.01 28.51 8.67
CA TYR A 340 21.67 28.18 9.93
C TYR A 340 21.77 26.67 10.13
N LEU A 341 20.69 25.93 9.82
CA LEU A 341 20.72 24.47 9.97
C LEU A 341 21.57 23.83 8.90
N GLU A 342 21.56 24.43 7.72
CA GLU A 342 22.52 24.00 6.64
C GLU A 342 23.98 24.07 7.14
N GLU A 343 24.34 25.21 7.72
CA GLU A 343 25.68 25.37 8.29
C GLU A 343 25.97 24.41 9.39
N LYS A 344 25.03 24.12 10.27
CA LYS A 344 25.33 23.13 11.30
C LYS A 344 25.57 21.73 10.75
N GLY A 345 25.07 21.41 9.56
CA GLY A 345 25.32 20.09 9.02
C GLY A 345 24.49 18.97 9.59
N GLY A 346 23.55 19.27 10.47
CA GLY A 346 22.80 18.20 11.17
C GLY A 346 21.86 17.40 10.26
N PHE A 347 21.58 17.91 9.07
CA PHE A 347 20.81 17.10 8.11
C PHE A 347 21.59 15.87 7.78
N TYR A 348 22.92 15.93 7.96
CA TYR A 348 23.82 14.81 7.59
C TYR A 348 24.56 14.24 8.79
N TYR A 349 25.09 15.09 9.67
CA TYR A 349 25.75 14.59 10.87
C TYR A 349 24.78 13.96 11.89
N GLU A 350 23.53 14.39 11.84
CA GLU A 350 22.45 13.71 12.56
C GLU A 350 21.39 13.37 11.49
N ARG A 351 20.15 13.14 11.88
CA ARG A 351 19.16 12.65 10.91
C ARG A 351 17.92 13.54 10.99
N TRP A 352 18.16 14.84 10.89
CA TRP A 352 17.11 15.82 11.05
C TRP A 352 16.03 15.64 10.00
N GLY A 353 14.80 15.33 10.44
CA GLY A 353 13.67 15.23 9.47
C GLY A 353 13.14 16.58 9.08
N ASP A 354 12.54 16.67 7.90
CA ASP A 354 11.81 17.87 7.53
C ASP A 354 10.70 18.25 8.52
N ALA A 355 10.07 17.25 9.12
CA ALA A 355 8.92 17.49 10.01
C ALA A 355 9.28 18.28 11.26
N PRO A 356 10.25 17.84 12.06
CA PRO A 356 10.61 18.69 13.20
C PRO A 356 11.17 20.02 12.79
N VAL A 357 11.87 20.07 11.67
CA VAL A 357 12.41 21.32 11.17
C VAL A 357 11.33 22.30 10.83
N ARG A 358 10.38 21.86 10.05
CA ARG A 358 9.28 22.69 9.65
C ARG A 358 8.50 23.12 10.90
N SER A 359 8.28 22.17 11.81
CA SER A 359 7.48 22.39 12.99
C SER A 359 8.11 23.38 13.95
N LEU A 360 9.43 23.26 14.13
CA LEU A 360 10.11 24.24 14.96
C LEU A 360 9.96 25.65 14.38
N ALA A 361 10.11 25.80 13.10
CA ALA A 361 9.99 27.11 12.46
C ALA A 361 8.59 27.67 12.60
N LEU A 362 7.60 26.80 12.41
CA LEU A 362 6.23 27.23 12.49
C LEU A 362 5.87 27.64 13.93
N ALA A 363 6.34 26.85 14.87
CA ALA A 363 6.04 27.10 16.29
C ALA A 363 6.69 28.40 16.76
N LEU A 364 7.88 28.67 16.26
CA LEU A 364 8.67 29.77 16.80
C LEU A 364 8.41 31.06 16.13
N PHE A 365 8.22 31.03 14.81
CA PHE A 365 8.23 32.23 13.98
C PHE A 365 6.88 32.60 13.44
N ALA A 366 5.83 31.89 13.86
CA ALA A 366 4.49 32.30 13.42
C ALA A 366 3.50 32.24 14.53
N ASP A 367 2.41 32.97 14.35
CA ASP A 367 1.31 32.94 15.32
C ASP A 367 0.62 31.56 15.24
N LYS A 368 0.49 30.87 16.37
CA LYS A 368 -0.08 29.52 16.36
C LYS A 368 -1.53 29.46 15.92
N SER A 369 -2.21 30.60 16.04
CA SER A 369 -3.59 30.66 15.59
C SER A 369 -3.68 30.64 14.04
N SER A 370 -2.55 30.72 13.32
CA SER A 370 -2.53 30.65 11.89
C SER A 370 -2.19 29.21 11.42
N ILE A 371 -2.14 28.25 12.34
CA ILE A 371 -1.84 26.87 12.01
C ILE A 371 -3.08 26.09 12.24
N HIS A 372 -3.64 25.54 11.16
CA HIS A 372 -4.97 24.95 11.20
C HIS A 372 -4.96 23.39 11.25
N TRP A 373 -5.66 22.81 12.23
CA TRP A 373 -5.81 21.37 12.30
C TRP A 373 -7.01 20.97 11.43
N PHE A 374 -6.76 20.31 10.32
CA PHE A 374 -7.80 19.88 9.43
C PHE A 374 -8.47 18.64 9.96
N ARG A 375 -9.27 18.84 10.99
CA ARG A 375 -9.92 17.71 11.62
C ARG A 375 -10.77 16.89 10.67
N ASP A 376 -11.34 17.58 9.70
CA ASP A 376 -12.29 17.04 8.74
C ASP A 376 -11.65 16.18 7.61
N ILE A 377 -10.35 16.30 7.42
CA ILE A 377 -9.63 15.51 6.43
C ILE A 377 -9.19 14.16 7.03
N GLY A 378 -10.07 13.19 6.90
CA GLY A 378 -9.78 11.81 7.25
C GLY A 378 -8.61 11.32 6.42
N TYR A 379 -7.60 10.79 7.10
CA TYR A 379 -6.32 10.60 6.49
C TYR A 379 -5.56 9.52 7.20
N HIS A 380 -4.86 8.70 6.42
CA HIS A 380 -4.02 7.64 6.94
C HIS A 380 -2.75 7.48 6.15
N HIS A 381 -1.66 7.37 6.90
CA HIS A 381 -0.41 6.91 6.40
C HIS A 381 0.12 6.02 7.49
N THR A 382 0.55 4.81 7.12
CA THR A 382 0.95 3.86 8.12
C THR A 382 1.94 4.50 9.09
N PRO A 383 1.78 4.37 10.41
CA PRO A 383 0.74 3.58 11.09
C PRO A 383 -0.38 4.42 11.75
N TYR A 384 -0.51 5.69 11.36
CA TYR A 384 -1.43 6.57 12.04
C TYR A 384 -2.59 7.05 11.16
N THR A 385 -3.70 7.36 11.80
CA THR A 385 -4.89 7.74 11.11
C THR A 385 -5.59 8.86 11.84
N ASN A 386 -5.94 9.92 11.13
CA ASN A 386 -6.91 10.88 11.61
C ASN A 386 -8.28 10.57 11.04
N CYS A 387 -9.19 10.12 11.88
CA CYS A 387 -10.55 9.67 11.44
C CYS A 387 -11.64 10.35 12.21
N PRO A 388 -12.27 11.38 11.63
CA PRO A 388 -13.25 12.15 12.39
C PRO A 388 -14.57 11.41 12.45
N THR A 389 -15.47 11.96 13.24
CA THR A 389 -16.80 11.48 13.41
C THR A 389 -17.74 12.45 12.65
N CYS A 390 -18.69 11.87 11.92
CA CYS A 390 -19.73 12.61 11.24
C CYS A 390 -21.04 12.56 12.02
N PRO A 391 -21.94 13.52 11.75
CA PRO A 391 -23.32 13.32 12.23
C PRO A 391 -23.88 12.04 11.70
N ALA A 392 -24.81 11.48 12.42
CA ALA A 392 -25.49 10.23 12.03
C ALA A 392 -26.12 10.26 10.63
N ASP A 393 -26.68 11.37 10.18
CA ASP A 393 -27.32 11.32 8.86
C ASP A 393 -26.35 11.53 7.67
N SER A 394 -25.03 11.42 7.89
CA SER A 394 -24.05 11.97 6.93
C SER A 394 -23.26 10.84 6.33
N ASP A 395 -23.06 10.92 5.03
CA ASP A 395 -22.12 10.04 4.39
C ASP A 395 -20.81 10.77 3.97
N ARG A 396 -20.44 11.86 4.64
CA ARG A 396 -19.22 12.61 4.21
C ARG A 396 -18.00 11.67 4.28
N CYS A 397 -17.92 10.80 5.29
CA CYS A 397 -16.78 9.90 5.38
C CYS A 397 -17.18 8.55 4.83
N ASN A 398 -16.24 7.83 4.26
CA ASN A 398 -16.60 6.62 3.53
C ASN A 398 -16.64 5.40 4.38
N GLY A 399 -16.35 5.50 5.67
CA GLY A 399 -16.49 4.33 6.54
C GLY A 399 -15.27 3.44 6.57
N ASN A 400 -14.22 3.80 5.83
CA ASN A 400 -13.03 2.97 5.88
C ASN A 400 -12.03 3.27 6.93
N CYS A 401 -12.32 4.22 7.82
CA CYS A 401 -11.54 4.32 9.05
C CYS A 401 -12.47 4.28 10.27
N VAL A 402 -11.95 3.79 11.37
CA VAL A 402 -12.65 3.75 12.61
C VAL A 402 -12.49 5.11 13.31
N PRO A 403 -13.60 5.84 13.50
CA PRO A 403 -13.54 7.15 14.15
C PRO A 403 -12.69 7.16 15.39
N GLY A 404 -11.70 8.04 15.40
CA GLY A 404 -10.90 8.27 16.59
C GLY A 404 -9.81 7.26 16.83
N LYS A 405 -9.69 6.25 15.97
CA LYS A 405 -8.71 5.21 16.18
C LYS A 405 -7.41 5.69 15.53
N PHE A 406 -6.55 6.23 16.38
CA PHE A 406 -5.29 6.89 15.96
C PHE A 406 -4.31 5.85 15.35
N THR A 407 -4.27 4.65 15.92
CA THR A 407 -3.38 3.60 15.45
C THR A 407 -3.90 2.31 16.00
N PRO A 408 -3.66 1.20 15.31
CA PRO A 408 -4.20 -0.04 15.83
C PRO A 408 -3.31 -0.62 16.93
N TRP A 409 -2.10 -0.07 17.07
CA TRP A 409 -1.12 -0.61 17.96
C TRP A 409 -1.01 0.33 19.17
N SER A 410 -1.66 -0.07 20.25
CA SER A 410 -1.73 0.77 21.40
C SER A 410 -0.33 1.18 21.96
N ASP A 411 0.72 0.42 21.72
CA ASP A 411 2.06 0.87 22.12
C ASP A 411 2.51 2.17 21.45
N LEU A 412 1.90 2.53 20.32
CA LEU A 412 2.25 3.78 19.64
C LEU A 412 1.41 4.98 20.16
N ASP A 413 0.46 4.74 21.05
CA ASP A 413 -0.44 5.81 21.54
C ASP A 413 0.34 6.95 22.12
N ASN A 414 1.46 6.64 22.71
CA ASN A 414 2.27 7.71 23.27
C ASN A 414 3.10 8.48 22.27
N GLN A 415 3.00 8.14 20.99
CA GLN A 415 3.56 8.95 19.92
C GLN A 415 2.62 10.05 19.44
N ASN A 416 1.41 10.05 19.94
CA ASN A 416 0.47 11.09 19.61
C ASN A 416 0.71 12.36 20.44
N CYS A 417 0.86 13.50 19.77
CA CYS A 417 1.02 14.78 20.45
C CYS A 417 -0.18 15.67 20.26
N GLN A 418 -1.23 15.17 19.65
CA GLN A 418 -2.36 16.00 19.37
C GLN A 418 -3.00 16.63 20.62
N ALA A 419 -3.04 15.92 21.71
CA ALA A 419 -3.62 16.42 22.93
C ALA A 419 -2.91 17.68 23.42
N THR A 420 -1.60 17.71 23.26
CA THR A 420 -0.86 18.86 23.64
C THR A 420 -1.30 20.01 22.76
N TRP A 421 -1.46 19.75 21.48
CA TRP A 421 -1.84 20.83 20.59
C TRP A 421 -3.21 21.37 20.96
N ILE A 422 -4.13 20.48 21.25
CA ILE A 422 -5.46 20.89 21.60
C ILE A 422 -5.39 21.69 22.91
N ARG A 423 -4.74 21.13 23.90
CA ARG A 423 -4.70 21.73 25.17
C ARG A 423 -4.06 23.13 25.17
N HIS A 424 -2.96 23.31 24.44
CA HIS A 424 -2.15 24.54 24.58
C HIS A 424 -2.09 25.41 23.34
N SER A 425 -2.42 24.89 22.16
CA SER A 425 -2.10 25.68 20.99
C SER A 425 -3.37 26.24 20.42
N MET A 426 -4.50 25.63 20.74
CA MET A 426 -5.79 26.08 20.19
C MET A 426 -6.58 26.99 21.17
N SER A 427 -6.80 28.24 20.76
CA SER A 427 -7.66 29.14 21.53
C SER A 427 -9.13 28.93 21.04
N GLU A 428 -10.06 29.75 21.50
CA GLU A 428 -11.47 29.52 21.21
C GLU A 428 -11.78 29.48 19.72
N GLU A 429 -11.12 30.29 18.90
CA GLU A 429 -11.41 30.38 17.48
C GLU A 429 -11.02 29.03 16.83
N GLU A 430 -9.93 28.42 17.27
CA GLU A 430 -9.56 27.12 16.72
C GLU A 430 -10.43 26.03 17.31
N LEU A 431 -10.63 26.08 18.62
CA LEU A 431 -11.45 25.07 19.30
C LEU A 431 -12.83 25.00 18.76
N GLU A 432 -13.34 26.10 18.27
CA GLU A 432 -14.74 26.19 17.83
C GLU A 432 -14.82 26.17 16.29
N MET A 433 -13.69 25.95 15.63
CA MET A 433 -13.69 25.97 14.17
C MET A 433 -14.43 24.81 13.54
N TYR A 434 -14.63 23.71 14.27
CA TYR A 434 -15.42 22.57 13.75
C TYR A 434 -16.49 22.22 14.70
N HIS B 41 -6.17 -44.72 -19.30
CA HIS B 41 -6.51 -44.14 -20.65
C HIS B 41 -6.20 -45.14 -21.75
N ASP B 42 -7.07 -45.17 -22.76
CA ASP B 42 -6.67 -45.71 -24.02
C ASP B 42 -5.18 -45.31 -24.27
N ALA B 43 -4.38 -46.30 -24.66
CA ALA B 43 -2.97 -46.14 -24.85
C ALA B 43 -2.63 -45.08 -25.87
N GLU B 44 -3.44 -44.98 -26.92
CA GLU B 44 -3.21 -44.01 -27.93
C GLU B 44 -3.43 -42.57 -27.39
N VAL B 45 -4.50 -42.36 -26.64
CA VAL B 45 -4.76 -41.03 -26.10
C VAL B 45 -3.62 -40.67 -25.13
N LEU B 46 -3.25 -41.58 -24.24
CA LEU B 46 -2.20 -41.35 -23.33
C LEU B 46 -0.87 -41.06 -24.03
N ASP B 47 -0.54 -41.87 -25.01
CA ASP B 47 0.69 -41.70 -25.75
C ASP B 47 0.71 -40.31 -26.37
N SER B 48 -0.39 -39.92 -26.95
CA SER B 48 -0.46 -38.63 -27.60
C SER B 48 -0.27 -37.45 -26.58
N ILE B 49 -0.72 -37.62 -25.35
CA ILE B 49 -0.50 -36.62 -24.31
C ILE B 49 0.99 -36.60 -23.95
N MET B 50 1.55 -37.76 -23.74
CA MET B 50 2.99 -37.85 -23.45
C MET B 50 3.80 -37.24 -24.55
N ASP B 51 3.40 -37.45 -25.79
CA ASP B 51 4.17 -36.81 -26.84
C ASP B 51 4.10 -35.32 -26.67
N ARG B 52 2.92 -34.79 -26.42
CA ARG B 52 2.76 -33.33 -26.34
C ARG B 52 3.56 -32.76 -25.16
N LEU B 53 3.64 -33.50 -24.06
CA LEU B 53 4.36 -33.06 -22.92
C LEU B 53 5.89 -33.10 -23.10
N HIS B 54 6.35 -33.75 -24.16
CA HIS B 54 7.79 -33.93 -24.37
C HIS B 54 8.28 -33.11 -25.53
N GLU B 55 7.44 -32.21 -26.08
CA GLU B 55 7.86 -31.39 -27.18
C GLU B 55 7.26 -30.00 -27.06
N PRO B 56 7.97 -29.04 -27.57
CA PRO B 56 7.49 -27.69 -27.52
C PRO B 56 6.29 -27.49 -28.39
N LEU B 57 5.49 -26.51 -28.03
CA LEU B 57 4.27 -26.27 -28.71
C LEU B 57 4.53 -25.81 -30.15
N TYR B 58 5.58 -25.01 -30.34
CA TYR B 58 5.95 -24.47 -31.64
C TYR B 58 7.39 -24.90 -31.86
N GLU B 59 7.64 -25.34 -33.07
CA GLU B 59 8.91 -25.90 -33.39
C GLU B 59 9.93 -24.82 -33.24
N LYS B 60 11.07 -25.16 -32.65
CA LYS B 60 12.19 -24.26 -32.47
C LYS B 60 12.50 -23.46 -33.73
N ASP B 61 12.70 -22.16 -33.58
CA ASP B 61 13.11 -21.29 -34.69
C ASP B 61 12.14 -21.23 -35.85
N THR B 62 10.85 -21.43 -35.61
CA THR B 62 9.82 -21.13 -36.62
C THR B 62 9.04 -19.88 -36.28
N PHE B 63 9.53 -19.04 -35.37
CA PHE B 63 8.70 -17.93 -34.86
C PHE B 63 9.65 -16.93 -34.31
N ASP B 64 9.25 -15.69 -34.35
CA ASP B 64 10.03 -14.63 -33.75
C ASP B 64 9.27 -14.19 -32.45
N PRO B 65 9.91 -14.30 -31.27
CA PRO B 65 9.22 -13.95 -30.03
C PRO B 65 8.63 -12.53 -30.00
N ASN B 66 9.25 -11.61 -30.72
CA ASN B 66 8.75 -10.23 -30.73
C ASN B 66 7.44 -10.14 -31.47
N GLU B 67 7.31 -10.89 -32.56
CA GLU B 67 6.04 -10.92 -33.27
C GLU B 67 4.99 -11.64 -32.46
N VAL B 68 5.43 -12.69 -31.76
CA VAL B 68 4.52 -13.45 -30.94
C VAL B 68 3.99 -12.55 -29.83
N LEU B 69 4.90 -11.82 -29.19
CA LEU B 69 4.52 -10.85 -28.19
C LEU B 69 3.47 -9.86 -28.69
N ALA B 70 3.66 -9.33 -29.87
CA ALA B 70 2.70 -8.37 -30.41
C ALA B 70 1.37 -9.00 -30.72
N GLU B 71 1.42 -10.19 -31.29
CA GLU B 71 0.19 -10.86 -31.60
C GLU B 71 -0.54 -11.12 -30.32
N ASN B 72 0.21 -11.51 -29.31
CA ASN B 72 -0.39 -11.87 -28.04
C ASN B 72 -0.98 -10.64 -27.33
N LYS B 73 -0.29 -9.52 -27.39
CA LYS B 73 -0.86 -8.30 -26.86
C LYS B 73 -2.14 -8.01 -27.53
N GLN B 74 -2.22 -8.28 -28.83
CA GLN B 74 -3.40 -7.97 -29.56
C GLN B 74 -4.55 -8.88 -29.17
N LEU B 75 -4.25 -10.16 -28.99
CA LEU B 75 -5.29 -11.09 -28.60
C LEU B 75 -5.85 -10.71 -27.19
N TYR B 76 -4.94 -10.40 -26.29
CA TYR B 76 -5.25 -9.97 -24.94
C TYR B 76 -6.17 -8.71 -24.95
N GLU B 77 -5.70 -7.68 -25.67
CA GLU B 77 -6.43 -6.48 -25.88
C GLU B 77 -7.85 -6.76 -26.44
N GLU B 78 -8.03 -7.68 -27.39
CA GLU B 78 -9.39 -7.96 -27.92
C GLU B 78 -10.30 -8.43 -26.83
N PHE B 79 -9.76 -9.26 -25.94
CA PHE B 79 -10.60 -9.73 -24.86
C PHE B 79 -10.83 -8.63 -23.80
N LEU B 80 -9.79 -7.88 -23.49
CA LEU B 80 -9.88 -6.91 -22.41
C LEU B 80 -10.74 -5.72 -22.80
N LEU B 81 -10.77 -5.39 -24.08
CA LEU B 81 -11.54 -4.25 -24.59
C LEU B 81 -12.96 -4.61 -24.95
N GLN B 82 -13.26 -5.88 -24.90
CA GLN B 82 -14.62 -6.32 -25.03
C GLN B 82 -15.43 -5.89 -23.77
N GLU B 83 -16.62 -5.37 -24.01
CA GLU B 83 -17.53 -4.99 -23.00
C GLU B 83 -18.12 -6.17 -22.39
N ILE B 84 -17.97 -6.29 -21.09
CA ILE B 84 -18.49 -7.41 -20.39
C ILE B 84 -19.16 -6.91 -19.14
N SER B 85 -19.93 -7.78 -18.51
CA SER B 85 -20.47 -7.42 -17.21
C SER B 85 -20.40 -8.59 -16.26
N GLU B 86 -21.08 -9.70 -16.59
CA GLU B 86 -20.98 -10.90 -15.75
C GLU B 86 -21.11 -12.17 -16.55
N PRO B 87 -20.86 -13.30 -15.92
CA PRO B 87 -20.92 -14.55 -16.66
C PRO B 87 -22.30 -14.76 -17.28
N LYS B 88 -22.33 -15.21 -18.52
CA LYS B 88 -23.56 -15.41 -19.27
C LYS B 88 -24.04 -16.82 -19.03
N VAL B 89 -24.38 -17.09 -17.79
CA VAL B 89 -24.87 -18.39 -17.43
C VAL B 89 -26.23 -18.16 -16.78
N ASP B 90 -26.92 -19.27 -16.56
CA ASP B 90 -28.31 -19.30 -16.14
C ASP B 90 -28.59 -19.13 -14.71
N ASN B 91 -27.70 -19.69 -13.92
CA ASN B 91 -27.91 -20.00 -12.55
CA ASN B 91 -28.21 -19.80 -12.49
C ASN B 91 -27.37 -19.00 -11.48
N LEU B 92 -27.07 -17.77 -11.84
CA LEU B 92 -26.37 -16.89 -10.92
C LEU B 92 -27.20 -16.65 -9.68
N VAL B 93 -26.55 -16.76 -8.52
CA VAL B 93 -27.19 -16.54 -7.23
C VAL B 93 -27.00 -15.08 -6.80
N ARG B 94 -28.10 -14.33 -6.72
CA ARG B 94 -28.06 -12.95 -6.30
C ARG B 94 -28.05 -12.79 -4.83
N SER B 95 -27.67 -11.59 -4.43
CA SER B 95 -27.64 -11.24 -3.04
C SER B 95 -29.01 -11.40 -2.40
N GLY B 96 -29.12 -12.06 -1.27
CA GLY B 96 -30.48 -12.30 -0.76
C GLY B 96 -31.34 -13.40 -1.44
N ASP B 97 -30.86 -14.07 -2.50
CA ASP B 97 -31.53 -15.30 -2.95
C ASP B 97 -31.30 -16.31 -1.87
N PRO B 98 -32.13 -17.37 -1.84
CA PRO B 98 -31.91 -18.38 -0.81
C PRO B 98 -30.51 -19.00 -0.80
N LEU B 99 -29.91 -19.21 -1.95
CA LEU B 99 -28.57 -19.82 -1.96
C LEU B 99 -27.41 -18.86 -1.66
N ALA B 100 -27.67 -17.57 -1.53
CA ALA B 100 -26.61 -16.59 -1.34
C ALA B 100 -26.00 -16.82 0.00
N GLY B 101 -24.67 -16.94 0.02
CA GLY B 101 -23.97 -17.04 1.26
C GLY B 101 -23.98 -18.48 1.72
N LYS B 102 -24.59 -19.40 0.99
CA LYS B 102 -24.67 -20.76 1.54
C LYS B 102 -23.60 -21.72 1.06
N ALA B 103 -22.69 -21.31 0.17
CA ALA B 103 -21.62 -22.25 -0.18
C ALA B 103 -20.76 -22.45 1.07
N LYS B 104 -20.10 -23.59 1.19
CA LYS B 104 -19.14 -23.76 2.27
C LYS B 104 -17.79 -23.17 1.85
N GLY B 105 -17.65 -21.87 2.11
CA GLY B 105 -16.56 -21.08 1.56
C GLY B 105 -16.09 -20.03 2.53
N THR B 106 -14.83 -19.65 2.40
CA THR B 106 -14.28 -18.59 3.24
C THR B 106 -13.31 -17.83 2.41
N ILE B 107 -13.09 -16.60 2.81
CA ILE B 107 -12.03 -15.81 2.31
C ILE B 107 -10.84 -16.10 3.20
N LEU B 108 -9.70 -16.39 2.64
CA LEU B 108 -8.57 -16.89 3.40
C LEU B 108 -7.39 -15.95 3.24
N SER B 109 -6.81 -15.49 4.37
CA SER B 109 -5.60 -14.69 4.32
C SER B 109 -4.54 -15.30 5.21
N LEU B 110 -3.39 -15.57 4.61
CA LEU B 110 -2.19 -15.91 5.35
C LEU B 110 -1.45 -14.62 5.69
N VAL B 111 -1.28 -14.31 6.98
CA VAL B 111 -0.75 -13.04 7.40
C VAL B 111 0.21 -13.15 8.57
N ARG B 112 1.07 -12.16 8.69
CA ARG B 112 1.84 -11.89 9.90
C ARG B 112 1.11 -10.71 10.56
N ASN B 113 1.28 -10.53 11.86
CA ASN B 113 0.68 -9.40 12.56
C ASN B 113 0.97 -8.03 11.94
N SER B 114 2.16 -7.85 11.43
CA SER B 114 2.58 -6.58 10.85
C SER B 114 1.84 -6.30 9.52
N ASP B 115 1.13 -7.28 8.93
CA ASP B 115 0.34 -7.09 7.75
C ASP B 115 -1.02 -6.43 8.03
N LEU B 116 -1.35 -6.18 9.29
CA LEU B 116 -2.70 -5.73 9.63
C LEU B 116 -3.26 -4.64 8.69
N GLU B 117 -2.54 -3.58 8.52
CA GLU B 117 -3.09 -2.48 7.76
C GLU B 117 -3.24 -2.76 6.28
N ASP B 118 -2.27 -3.46 5.71
CA ASP B 118 -2.34 -3.88 4.33
C ASP B 118 -3.44 -4.86 4.06
N ILE B 119 -3.65 -5.85 4.95
CA ILE B 119 -4.77 -6.77 4.75
C ILE B 119 -6.12 -6.06 4.99
N ILE B 120 -6.15 -5.09 5.86
CA ILE B 120 -7.38 -4.34 6.02
C ILE B 120 -7.74 -3.63 4.73
N SER B 121 -6.78 -3.04 4.07
CA SER B 121 -7.02 -2.34 2.79
C SER B 121 -7.66 -3.31 1.79
N SER B 122 -7.09 -4.50 1.68
CA SER B 122 -7.63 -5.49 0.76
C SER B 122 -9.03 -5.91 1.15
N ILE B 123 -9.22 -6.13 2.44
CA ILE B 123 -10.54 -6.55 2.95
C ILE B 123 -11.63 -5.52 2.62
N GLN B 124 -11.32 -4.27 2.83
CA GLN B 124 -12.30 -3.24 2.63
C GLN B 124 -12.70 -3.19 1.18
N GLN B 125 -11.73 -3.36 0.30
CA GLN B 125 -12.06 -3.43 -1.12
C GLN B 125 -12.86 -4.68 -1.49
N LEU B 126 -12.49 -5.80 -0.90
CA LEU B 126 -13.23 -7.00 -1.16
C LEU B 126 -14.66 -6.84 -0.68
N GLU B 127 -14.84 -6.24 0.49
CA GLU B 127 -16.19 -6.09 1.02
C GLU B 127 -16.99 -5.19 0.11
N GLU B 128 -16.35 -4.11 -0.32
CA GLU B 128 -17.01 -3.03 -1.04
C GLU B 128 -17.48 -3.53 -2.43
N GLU B 129 -16.62 -4.28 -3.12
CA GLU B 129 -16.91 -4.77 -4.44
C GLU B 129 -17.60 -6.10 -4.44
N TYR B 130 -17.66 -6.80 -3.32
CA TYR B 130 -18.28 -8.12 -3.36
C TYR B 130 -18.91 -8.56 -2.06
N ASN B 131 -18.11 -8.73 -1.02
CA ASN B 131 -18.56 -9.54 0.14
C ASN B 131 -19.55 -8.85 1.07
N LYS B 132 -19.68 -7.52 0.99
CA LYS B 132 -20.76 -6.88 1.78
C LYS B 132 -22.13 -7.36 1.38
N ASN B 133 -22.30 -7.89 0.18
CA ASN B 133 -23.58 -8.39 -0.23
C ASN B 133 -23.74 -9.89 -0.09
N PHE B 134 -22.69 -10.56 0.36
CA PHE B 134 -22.80 -12.02 0.47
C PHE B 134 -22.34 -12.54 1.80
N GLY B 135 -21.45 -11.85 2.51
CA GLY B 135 -21.22 -12.18 3.88
C GLY B 135 -20.42 -13.46 4.16
N TYR B 136 -19.57 -13.89 3.22
CA TYR B 136 -18.76 -15.06 3.47
C TYR B 136 -17.79 -14.71 4.61
N PRO B 137 -17.44 -15.70 5.44
CA PRO B 137 -16.49 -15.44 6.52
C PRO B 137 -15.03 -15.31 6.07
N TYR B 138 -14.22 -14.76 6.95
CA TYR B 138 -12.79 -14.68 6.79
C TYR B 138 -12.11 -15.65 7.73
N THR B 139 -11.12 -16.33 7.17
CA THR B 139 -10.23 -17.15 7.91
C THR B 139 -8.85 -16.56 7.70
N PHE B 140 -8.15 -16.30 8.82
CA PHE B 140 -6.81 -15.79 8.83
C PHE B 140 -5.91 -16.86 9.42
N LEU B 141 -4.78 -17.09 8.79
CA LEU B 141 -3.80 -18.04 9.33
C LEU B 141 -2.50 -17.33 9.42
N ASN B 142 -1.71 -17.75 10.36
CA ASN B 142 -0.43 -17.16 10.67
C ASN B 142 0.50 -18.24 11.21
N ASP B 143 1.77 -18.16 10.84
CA ASP B 143 2.74 -19.13 11.34
C ASP B 143 3.16 -18.74 12.77
N GLU B 144 2.85 -17.53 13.18
CA GLU B 144 3.03 -17.09 14.55
C GLU B 144 1.65 -16.90 15.13
N GLU B 145 1.63 -16.67 16.41
CA GLU B 145 0.45 -16.42 17.15
C GLU B 145 -0.08 -15.04 16.77
N PHE B 146 -1.39 -14.96 16.61
CA PHE B 146 -2.04 -13.70 16.36
C PHE B 146 -2.08 -12.89 17.65
N THR B 147 -1.89 -11.58 17.60
CA THR B 147 -2.09 -10.74 18.78
C THR B 147 -3.54 -10.37 18.85
N ASP B 148 -3.98 -10.00 20.05
CA ASP B 148 -5.30 -9.45 20.20
C ASP B 148 -5.50 -8.15 19.38
N GLU B 149 -4.45 -7.35 19.20
CA GLU B 149 -4.66 -6.09 18.48
C GLU B 149 -4.91 -6.37 17.01
N PHE B 150 -4.31 -7.42 16.47
CA PHE B 150 -4.58 -7.82 15.11
C PHE B 150 -6.00 -8.16 14.97
N LYS B 151 -6.45 -9.01 15.89
CA LYS B 151 -7.79 -9.46 15.83
C LYS B 151 -8.80 -8.36 15.99
N ASP B 152 -8.59 -7.48 16.96
CA ASP B 152 -9.53 -6.40 17.13
C ASP B 152 -9.46 -5.47 15.94
N GLY B 153 -8.27 -5.26 15.38
CA GLY B 153 -8.21 -4.32 14.24
C GLY B 153 -9.04 -4.86 13.11
N ILE B 154 -8.90 -6.18 12.87
CA ILE B 154 -9.71 -6.80 11.82
C ILE B 154 -11.16 -6.67 12.15
N LYS B 155 -11.54 -7.05 13.37
CA LYS B 155 -12.98 -6.98 13.70
C LYS B 155 -13.56 -5.55 13.62
N SER B 156 -12.75 -4.55 13.91
CA SER B 156 -13.25 -3.17 13.92
C SER B 156 -13.61 -2.65 12.55
N ILE B 157 -13.08 -3.26 11.48
CA ILE B 157 -13.35 -2.75 10.13
C ILE B 157 -14.34 -3.58 9.36
N LEU B 158 -14.87 -4.63 9.99
CA LEU B 158 -15.89 -5.48 9.39
C LEU B 158 -17.21 -5.32 10.08
N PRO B 159 -18.32 -5.60 9.37
CA PRO B 159 -19.59 -5.57 10.09
C PRO B 159 -19.58 -6.49 11.28
N LYS B 160 -20.42 -6.18 12.24
CA LYS B 160 -20.42 -6.85 13.54
C LYS B 160 -20.76 -8.28 13.40
N ASP B 161 -21.59 -8.61 12.41
CA ASP B 161 -22.04 -9.99 12.16
C ASP B 161 -21.16 -10.76 11.15
N ARG B 162 -20.05 -10.18 10.70
CA ARG B 162 -19.15 -10.90 9.84
C ARG B 162 -18.34 -11.85 10.66
N VAL B 163 -18.34 -13.11 10.26
CA VAL B 163 -17.60 -14.16 10.96
C VAL B 163 -16.13 -14.20 10.54
N VAL B 164 -15.21 -14.23 11.53
CA VAL B 164 -13.79 -14.25 11.32
C VAL B 164 -13.22 -15.31 12.20
N GLU B 165 -12.24 -16.02 11.70
CA GLU B 165 -11.57 -17.00 12.53
C GLU B 165 -10.11 -16.82 12.32
N PHE B 166 -9.35 -16.99 13.37
CA PHE B 166 -7.90 -16.78 13.34
C PHE B 166 -7.25 -18.05 13.80
N GLY B 167 -6.28 -18.54 13.08
CA GLY B 167 -5.68 -19.83 13.43
C GLY B 167 -4.22 -19.75 13.27
N THR B 168 -3.54 -20.34 14.22
CA THR B 168 -2.11 -20.58 14.12
C THR B 168 -1.82 -21.84 13.31
N ILE B 169 -0.69 -21.84 12.64
CA ILE B 169 -0.21 -23.00 11.91
C ILE B 169 0.78 -23.74 12.80
N GLY B 170 0.53 -25.03 13.00
CA GLY B 170 1.46 -25.79 13.86
C GLY B 170 2.85 -25.75 13.25
N PRO B 171 3.90 -25.61 14.09
CA PRO B 171 5.26 -25.57 13.59
C PRO B 171 5.58 -26.72 12.65
N ASP B 172 5.11 -27.91 12.96
CA ASP B 172 5.36 -29.05 12.08
C ASP B 172 4.65 -28.96 10.74
N ASN B 173 3.69 -28.05 10.59
CA ASN B 173 3.01 -27.84 9.28
C ASN B 173 3.46 -26.62 8.57
N TRP B 174 4.55 -26.04 9.08
CA TRP B 174 5.18 -24.87 8.48
C TRP B 174 6.67 -25.04 8.27
N ASN B 175 7.34 -25.55 9.28
CA ASN B 175 8.80 -25.46 9.32
C ASN B 175 9.42 -26.46 8.34
N MET B 176 10.61 -26.09 7.88
CA MET B 176 11.45 -26.95 7.05
C MET B 176 11.47 -28.29 7.71
N PRO B 177 11.11 -29.37 6.99
CA PRO B 177 11.06 -30.67 7.60
C PRO B 177 12.46 -31.28 7.75
N ASP B 178 12.55 -32.29 8.60
CA ASP B 178 13.76 -33.06 8.79
C ASP B 178 14.36 -33.64 7.54
N SER B 179 13.51 -34.04 6.61
CA SER B 179 13.93 -34.61 5.34
C SER B 179 14.81 -33.67 4.53
N ILE B 180 14.95 -32.40 4.94
CA ILE B 180 15.75 -31.47 4.20
C ILE B 180 17.09 -31.35 4.88
N ASP B 181 18.14 -31.42 4.09
CA ASP B 181 19.49 -31.27 4.62
C ASP B 181 19.80 -29.78 4.69
N ARG B 182 19.82 -29.24 5.90
CA ARG B 182 19.92 -27.80 6.05
C ARG B 182 21.17 -27.14 5.43
N GLU B 183 22.28 -27.84 5.45
CA GLU B 183 23.52 -27.26 4.95
C GLU B 183 23.50 -27.26 3.43
N ARG B 184 22.92 -28.30 2.87
CA ARG B 184 22.60 -28.28 1.46
C ARG B 184 21.66 -27.11 1.07
N TYR B 185 20.60 -26.93 1.83
CA TYR B 185 19.77 -25.73 1.71
C TYR B 185 20.63 -24.45 1.74
N ASP B 186 21.51 -24.36 2.74
CA ASP B 186 22.27 -23.08 2.99
C ASP B 186 23.19 -22.81 1.84
N GLN B 187 23.74 -23.88 1.33
CA GLN B 187 24.56 -23.79 0.15
C GLN B 187 23.79 -23.32 -1.09
N GLU B 188 22.64 -23.95 -1.34
CA GLU B 188 21.85 -23.58 -2.53
C GLU B 188 21.36 -22.18 -2.39
N MET B 189 20.97 -21.78 -1.20
CA MET B 189 20.42 -20.41 -1.00
C MET B 189 21.49 -19.34 -0.99
N ASP B 190 22.72 -19.73 -0.69
CA ASP B 190 23.86 -18.84 -0.84
C ASP B 190 24.07 -18.50 -2.33
N LYS B 191 24.19 -19.53 -3.16
CA LYS B 191 24.25 -19.33 -4.62
C LYS B 191 23.08 -18.47 -5.12
N MET B 192 21.84 -18.90 -4.79
CA MET B 192 20.60 -18.27 -5.31
C MET B 192 20.54 -16.79 -5.06
N SER B 193 21.13 -16.31 -3.97
CA SER B 193 21.46 -14.87 -3.84
C SER B 193 22.85 -14.59 -4.43
N GLU B 201 16.31 -18.05 0.41
CA GLU B 201 16.73 -16.81 1.09
C GLU B 201 15.98 -16.57 2.45
N VAL B 202 14.84 -15.90 2.59
CA VAL B 202 14.21 -16.11 3.87
C VAL B 202 13.60 -17.53 3.75
N GLU B 203 13.98 -18.25 4.77
CA GLU B 203 13.49 -19.51 5.01
C GLU B 203 11.96 -19.41 5.01
N SER B 204 11.41 -18.34 5.61
CA SER B 204 9.99 -18.33 5.85
C SER B 204 9.23 -18.20 4.53
N TYR B 205 9.84 -17.58 3.53
CA TYR B 205 9.30 -17.53 2.20
C TYR B 205 9.22 -18.93 1.58
N HIS B 206 10.26 -19.73 1.76
CA HIS B 206 10.17 -21.13 1.35
C HIS B 206 9.08 -21.85 2.06
N ASN B 207 8.98 -21.63 3.36
CA ASN B 207 7.91 -22.29 4.11
C ASN B 207 6.54 -21.91 3.61
N MET B 208 6.40 -20.64 3.29
CA MET B 208 5.14 -20.09 2.81
C MET B 208 4.74 -20.75 1.50
N CYS B 209 5.67 -20.76 0.55
CA CYS B 209 5.41 -21.40 -0.75
C CYS B 209 4.94 -22.83 -0.57
N ARG B 210 5.64 -23.56 0.26
CA ARG B 210 5.30 -24.96 0.50
C ARG B 210 3.95 -25.06 1.16
N PHE B 211 3.76 -24.18 2.14
CA PHE B 211 2.50 -24.17 2.90
C PHE B 211 1.31 -23.93 1.98
N TYR B 212 1.44 -22.95 1.12
CA TYR B 212 0.36 -22.63 0.21
C TYR B 212 0.21 -23.61 -0.92
N SER B 213 1.27 -24.36 -1.20
CA SER B 213 1.13 -25.49 -2.18
C SER B 213 0.33 -26.66 -1.61
N LYS B 214 0.73 -27.14 -0.43
CA LYS B 214 0.36 -28.47 0.02
C LYS B 214 -0.23 -28.63 1.43
N GLU B 215 -0.33 -27.56 2.21
CA GLU B 215 -0.68 -27.70 3.59
C GLU B 215 -1.89 -26.86 3.97
N PHE B 216 -2.07 -25.68 3.37
CA PHE B 216 -3.11 -24.78 3.91
C PHE B 216 -4.46 -25.46 4.03
N TYR B 217 -4.82 -26.28 3.03
CA TYR B 217 -6.11 -26.89 2.96
C TYR B 217 -6.30 -28.02 3.99
N HIS B 218 -5.26 -28.42 4.66
CA HIS B 218 -5.37 -29.35 5.78
C HIS B 218 -5.53 -28.64 7.09
N HIS B 219 -5.48 -27.31 7.13
CA HIS B 219 -5.57 -26.62 8.42
C HIS B 219 -6.94 -26.95 9.03
N PRO B 220 -7.00 -27.23 10.34
CA PRO B 220 -8.29 -27.55 10.95
C PRO B 220 -9.45 -26.56 10.68
N LEU B 221 -9.15 -25.27 10.61
CA LEU B 221 -10.19 -24.26 10.38
C LEU B 221 -10.78 -24.37 9.02
N LEU B 222 -10.06 -25.00 8.09
CA LEU B 222 -10.52 -25.10 6.73
C LEU B 222 -11.20 -26.41 6.43
N SER B 223 -11.18 -27.32 7.40
CA SER B 223 -11.77 -28.65 7.22
C SER B 223 -13.21 -28.48 6.84
N LYS B 224 -13.90 -27.46 7.36
CA LYS B 224 -15.29 -27.31 7.09
C LYS B 224 -15.64 -26.64 5.81
N TYR B 225 -14.63 -26.26 5.02
CA TYR B 225 -14.94 -25.53 3.80
C TYR B 225 -14.59 -26.31 2.55
N LYS B 226 -15.42 -26.16 1.55
CA LYS B 226 -15.13 -26.64 0.25
C LYS B 226 -14.34 -25.58 -0.59
N TYR B 227 -14.63 -24.29 -0.40
CA TYR B 227 -14.07 -23.19 -1.23
C TYR B 227 -13.30 -22.22 -0.42
N VAL B 228 -12.23 -21.73 -1.04
CA VAL B 228 -11.50 -20.55 -0.52
C VAL B 228 -11.35 -19.50 -1.61
N TRP B 229 -11.42 -18.25 -1.19
CA TRP B 229 -11.04 -17.10 -1.95
C TRP B 229 -9.79 -16.60 -1.21
N ARG B 230 -8.64 -16.84 -1.79
CA ARG B 230 -7.43 -16.39 -1.24
C ARG B 230 -7.26 -14.89 -1.45
N LEU B 231 -6.89 -14.20 -0.38
CA LEU B 231 -6.73 -12.72 -0.36
C LEU B 231 -5.39 -12.39 0.20
N GLU B 232 -4.70 -11.47 -0.43
CA GLU B 232 -3.39 -11.07 0.03
C GLU B 232 -3.43 -9.60 0.47
N PRO B 233 -2.39 -9.15 1.19
CA PRO B 233 -2.37 -7.75 1.62
C PRO B 233 -2.11 -6.83 0.44
N ASN B 234 -2.62 -5.63 0.51
CA ASN B 234 -2.28 -4.60 -0.44
CA ASN B 234 -2.25 -4.61 -0.46
C ASN B 234 -2.73 -4.91 -1.87
N VAL B 235 -3.94 -5.39 -2.03
CA VAL B 235 -4.49 -5.56 -3.36
C VAL B 235 -5.68 -4.63 -3.57
N ASN B 236 -6.08 -4.51 -4.82
CA ASN B 236 -7.23 -3.73 -5.20
C ASN B 236 -8.25 -4.55 -5.94
N PHE B 237 -9.51 -4.26 -5.67
CA PHE B 237 -10.60 -4.72 -6.47
C PHE B 237 -11.32 -3.51 -7.04
N TYR B 238 -11.71 -3.59 -8.30
CA TYR B 238 -12.28 -2.42 -9.00
C TYR B 238 -13.73 -2.50 -9.40
N CYS B 239 -14.35 -3.67 -9.38
CA CYS B 239 -15.61 -3.83 -10.04
C CYS B 239 -16.54 -4.68 -9.18
N LYS B 240 -17.81 -4.28 -9.16
CA LYS B 240 -18.81 -4.95 -8.41
C LYS B 240 -19.14 -6.31 -8.99
N ILE B 241 -19.25 -7.26 -8.09
CA ILE B 241 -19.58 -8.58 -8.44
C ILE B 241 -20.91 -8.81 -7.74
N ASN B 242 -21.96 -9.03 -8.51
CA ASN B 242 -23.31 -9.13 -7.98
C ASN B 242 -23.88 -10.52 -8.07
N TYR B 243 -23.00 -11.51 -8.03
CA TYR B 243 -23.43 -12.89 -7.92
C TYR B 243 -22.50 -13.58 -6.95
N ASP B 244 -22.99 -14.64 -6.33
CA ASP B 244 -22.25 -15.44 -5.39
C ASP B 244 -21.20 -16.26 -6.16
N VAL B 245 -19.95 -15.88 -5.96
CA VAL B 245 -18.84 -16.45 -6.69
C VAL B 245 -18.69 -17.93 -6.40
N PHE B 246 -18.80 -18.33 -5.16
CA PHE B 246 -18.65 -19.74 -4.84
C PHE B 246 -19.75 -20.56 -5.45
N GLN B 247 -20.98 -20.05 -5.40
CA GLN B 247 -22.10 -20.76 -5.96
C GLN B 247 -21.96 -20.82 -7.46
N PHE B 248 -21.43 -19.75 -8.06
CA PHE B 248 -21.14 -19.78 -9.48
C PHE B 248 -20.17 -20.92 -9.81
N MET B 249 -19.16 -21.09 -8.96
CA MET B 249 -18.17 -22.15 -9.17
C MET B 249 -18.82 -23.55 -9.10
N ASN B 250 -19.66 -23.69 -8.10
CA ASN B 250 -20.27 -24.98 -7.81
C ASN B 250 -21.30 -25.37 -8.89
N LYS B 251 -22.16 -24.44 -9.23
CA LYS B 251 -23.15 -24.66 -10.19
C LYS B 251 -22.59 -24.89 -11.61
N ASN B 252 -21.46 -24.32 -11.96
CA ASN B 252 -20.94 -24.53 -13.28
C ASN B 252 -19.69 -25.40 -13.33
N ASP B 253 -19.49 -26.19 -12.28
CA ASP B 253 -18.37 -27.11 -12.19
C ASP B 253 -17.01 -26.52 -12.44
N LYS B 254 -16.72 -25.39 -11.82
CA LYS B 254 -15.39 -24.84 -11.86
C LYS B 254 -14.65 -25.13 -10.58
N ILE B 255 -13.44 -25.63 -10.72
CA ILE B 255 -12.70 -25.97 -9.56
C ILE B 255 -11.68 -24.88 -9.25
N TYR B 256 -11.49 -23.90 -10.15
CA TYR B 256 -10.48 -22.91 -9.97
C TYR B 256 -10.79 -21.66 -10.70
N GLY B 257 -10.47 -20.50 -10.09
CA GLY B 257 -10.70 -19.22 -10.75
C GLY B 257 -9.50 -18.34 -10.54
N PHE B 258 -9.14 -17.62 -11.57
CA PHE B 258 -7.98 -16.79 -11.57
C PHE B 258 -8.32 -15.49 -12.31
N VAL B 259 -7.47 -14.50 -12.18
CA VAL B 259 -7.61 -13.23 -12.88
C VAL B 259 -6.35 -12.89 -13.67
N LEU B 260 -5.19 -13.36 -13.23
CA LEU B 260 -3.94 -13.05 -13.88
C LEU B 260 -3.15 -14.30 -14.11
N ASN B 261 -2.37 -14.28 -15.16
CA ASN B 261 -1.78 -15.48 -15.72
C ASN B 261 -0.40 -15.08 -16.26
N LEU B 262 0.67 -15.59 -15.66
CA LEU B 262 2.00 -15.03 -15.87
C LEU B 262 3.07 -16.02 -16.13
N TYR B 263 4.17 -15.51 -16.67
CA TYR B 263 5.43 -16.25 -16.73
C TYR B 263 6.12 -16.16 -15.38
N ASP B 264 6.84 -17.23 -14.99
CA ASP B 264 7.57 -17.25 -13.78
C ASP B 264 9.03 -16.99 -14.05
N SER B 265 9.80 -16.89 -12.98
CA SER B 265 11.24 -16.76 -13.08
C SER B 265 11.77 -18.21 -13.14
N PRO B 266 12.37 -18.58 -14.29
CA PRO B 266 12.79 -19.94 -14.50
C PRO B 266 13.81 -20.47 -13.48
N GLN B 267 14.69 -19.61 -12.96
CA GLN B 267 15.70 -20.03 -12.00
C GLN B 267 15.12 -20.42 -10.66
N THR B 268 13.88 -20.03 -10.33
CA THR B 268 13.29 -20.47 -9.12
C THR B 268 12.84 -21.90 -9.18
N ILE B 269 12.71 -22.44 -10.40
CA ILE B 269 12.04 -23.76 -10.61
C ILE B 269 12.77 -24.64 -11.63
N GLU B 270 14.05 -24.71 -11.46
CA GLU B 270 14.91 -25.40 -12.37
C GLU B 270 14.47 -26.83 -12.74
N THR B 271 14.17 -27.67 -11.75
CA THR B 271 13.84 -29.04 -11.95
C THR B 271 12.40 -29.40 -11.63
N LEU B 272 11.56 -28.37 -11.46
CA LEU B 272 10.20 -28.62 -11.14
C LEU B 272 9.55 -29.35 -12.29
N TRP B 273 9.68 -28.84 -13.48
CA TRP B 273 9.06 -29.48 -14.62
C TRP B 273 9.58 -30.90 -14.87
N THR B 274 10.89 -31.06 -14.91
CA THR B 274 11.48 -32.42 -15.13
C THR B 274 11.04 -33.42 -14.10
N SER B 275 10.99 -33.04 -12.84
CA SER B 275 10.51 -33.94 -11.79
C SER B 275 9.01 -34.25 -12.01
N THR B 276 8.27 -33.21 -12.40
CA THR B 276 6.87 -33.33 -12.65
C THR B 276 6.58 -34.29 -13.83
N MET B 277 7.37 -34.17 -14.88
CA MET B 277 7.30 -35.14 -15.98
C MET B 277 7.48 -36.61 -15.54
N ASP B 278 8.48 -36.87 -14.72
CA ASP B 278 8.69 -38.20 -14.15
C ASP B 278 7.53 -38.68 -13.27
N PHE B 279 6.95 -37.77 -12.46
CA PHE B 279 5.78 -38.08 -11.68
C PHE B 279 4.62 -38.52 -12.57
N VAL B 280 4.35 -37.73 -13.59
CA VAL B 280 3.25 -38.03 -14.51
C VAL B 280 3.46 -39.36 -15.23
N GLU B 281 4.70 -39.62 -15.67
CA GLU B 281 5.03 -40.94 -16.30
C GLU B 281 4.80 -42.11 -15.30
N GLU B 282 5.01 -41.93 -14.02
CA GLU B 282 4.63 -42.96 -13.02
C GLU B 282 3.13 -43.00 -12.72
N HIS B 283 2.39 -41.92 -12.96
CA HIS B 283 0.95 -41.92 -12.65
C HIS B 283 0.13 -41.39 -13.79
N PRO B 284 0.24 -42.00 -14.97
CA PRO B 284 -0.41 -41.47 -16.16
C PRO B 284 -1.92 -41.43 -16.03
N ASN B 285 -2.48 -42.28 -15.19
CA ASN B 285 -3.89 -42.24 -14.91
C ASN B 285 -4.30 -40.89 -14.23
N TYR B 286 -3.37 -40.10 -13.69
CA TYR B 286 -3.76 -38.82 -13.04
C TYR B 286 -4.00 -37.76 -14.11
N LEU B 287 -3.47 -37.98 -15.32
CA LEU B 287 -3.66 -37.01 -16.34
C LEU B 287 -5.10 -36.91 -16.80
N ASN B 288 -5.53 -35.70 -17.04
CA ASN B 288 -6.84 -35.50 -17.59
C ASN B 288 -6.67 -35.30 -19.08
N VAL B 289 -7.54 -35.89 -19.90
CA VAL B 289 -7.34 -35.80 -21.35
C VAL B 289 -7.48 -34.40 -21.83
N ASN B 290 -8.19 -33.56 -21.09
CA ASN B 290 -8.28 -32.14 -21.47
C ASN B 290 -7.52 -31.21 -20.58
N GLY B 291 -6.38 -31.69 -20.10
CA GLY B 291 -5.46 -30.84 -19.41
C GLY B 291 -5.01 -29.66 -20.22
N ALA B 292 -4.54 -28.61 -19.53
CA ALA B 292 -4.08 -27.44 -20.22
C ALA B 292 -2.66 -27.64 -20.73
N PHE B 293 -2.49 -28.65 -21.57
CA PHE B 293 -1.14 -29.01 -21.96
C PHE B 293 -0.45 -28.02 -22.83
N ALA B 294 -1.15 -27.36 -23.74
CA ALA B 294 -0.48 -26.42 -24.58
C ALA B 294 0.07 -25.21 -23.80
N TRP B 295 -0.69 -24.76 -22.81
CA TRP B 295 -0.30 -23.65 -21.97
C TRP B 295 1.02 -23.96 -21.29
N LEU B 296 1.16 -25.20 -20.83
CA LEU B 296 2.42 -25.61 -20.26
C LEU B 296 3.59 -25.61 -21.21
N LYS B 297 3.33 -25.79 -22.50
CA LYS B 297 4.34 -26.04 -23.47
C LYS B 297 4.58 -24.93 -24.44
N ASP B 298 3.93 -23.78 -24.23
CA ASP B 298 4.09 -22.67 -25.15
C ASP B 298 5.44 -22.02 -24.93
N ASN B 299 6.31 -22.19 -25.93
CA ASN B 299 7.67 -21.68 -25.95
C ASN B 299 7.80 -20.46 -26.82
N SER B 300 6.71 -20.00 -27.43
CA SER B 300 6.81 -19.00 -28.49
C SER B 300 7.05 -17.57 -28.02
N GLN B 301 6.60 -17.21 -26.78
CA GLN B 301 6.83 -15.82 -26.31
C GLN B 301 8.12 -15.69 -25.50
N ASN B 302 8.37 -16.65 -24.63
CA ASN B 302 9.61 -16.66 -23.87
C ASN B 302 10.30 -17.99 -24.01
N PRO B 303 10.85 -18.26 -25.20
CA PRO B 303 11.58 -19.50 -25.42
C PRO B 303 12.73 -19.77 -24.44
N LYS B 304 13.36 -18.73 -23.91
CA LYS B 304 14.39 -18.97 -22.89
C LYS B 304 13.86 -19.61 -21.61
N ASN B 305 12.64 -19.30 -21.23
CA ASN B 305 12.06 -19.83 -20.00
C ASN B 305 11.82 -21.29 -20.27
N TYR B 306 11.32 -21.60 -21.47
CA TYR B 306 11.10 -23.00 -21.84
C TYR B 306 12.40 -23.81 -21.84
N ASP B 307 13.45 -23.27 -22.47
CA ASP B 307 14.76 -23.99 -22.52
C ASP B 307 15.31 -24.15 -21.16
N TYR B 308 15.18 -23.14 -20.31
CA TYR B 308 15.78 -23.23 -18.99
C TYR B 308 15.15 -24.37 -18.20
N THR B 309 13.83 -24.50 -18.28
CA THR B 309 13.16 -25.55 -17.52
C THR B 309 13.14 -26.91 -18.26
N GLN B 310 13.64 -26.94 -19.49
CA GLN B 310 13.64 -28.11 -20.37
C GLN B 310 12.21 -28.66 -20.64
N GLY B 311 11.28 -27.71 -20.86
CA GLY B 311 9.95 -28.08 -21.27
C GLY B 311 8.73 -27.38 -20.69
N TYR B 312 8.91 -26.37 -19.82
CA TYR B 312 7.79 -25.70 -19.23
C TYR B 312 7.81 -24.27 -19.60
N SER B 313 6.67 -23.74 -20.09
CA SER B 313 6.54 -22.33 -20.39
C SER B 313 6.88 -21.44 -19.19
N THR B 314 6.69 -21.96 -17.99
CA THR B 314 6.63 -21.29 -16.72
C THR B 314 5.30 -20.53 -16.54
N CYS B 315 4.35 -20.73 -17.44
CA CYS B 315 3.03 -20.04 -17.26
C CYS B 315 2.34 -20.59 -16.06
N HIS B 316 1.73 -19.70 -15.29
CA HIS B 316 1.05 -20.07 -14.08
C HIS B 316 -0.01 -19.07 -13.74
N PHE B 317 -0.97 -19.51 -12.97
CA PHE B 317 -1.99 -18.64 -12.43
C PHE B 317 -1.33 -17.85 -11.31
N TRP B 318 -1.56 -16.56 -11.27
CA TRP B 318 -0.92 -15.76 -10.26
C TRP B 318 -1.69 -15.83 -8.99
N THR B 319 -1.24 -16.73 -8.14
CA THR B 319 -2.03 -17.19 -6.99
C THR B 319 -2.27 -16.23 -5.86
N ASN B 320 -1.72 -15.03 -5.91
CA ASN B 320 -2.14 -14.06 -4.84
C ASN B 320 -3.63 -13.81 -4.85
N PHE B 321 -4.28 -14.01 -5.98
CA PHE B 321 -5.73 -14.20 -6.08
C PHE B 321 -5.99 -15.59 -6.53
N GLU B 322 -6.84 -16.31 -5.81
CA GLU B 322 -7.38 -17.57 -6.35
C GLU B 322 -8.66 -17.94 -5.69
N ILE B 323 -9.56 -18.50 -6.50
CA ILE B 323 -10.76 -19.10 -6.01
C ILE B 323 -10.55 -20.58 -6.26
N VAL B 324 -10.63 -21.37 -5.20
CA VAL B 324 -10.28 -22.75 -5.35
CA VAL B 324 -10.23 -22.77 -5.25
C VAL B 324 -11.27 -23.68 -4.64
N ASP B 325 -11.65 -24.71 -5.39
CA ASP B 325 -12.42 -25.82 -4.87
C ASP B 325 -11.43 -26.76 -4.21
N LEU B 326 -11.48 -26.82 -2.90
CA LEU B 326 -10.55 -27.65 -2.12
C LEU B 326 -10.67 -29.15 -2.34
N ASP B 327 -11.76 -29.60 -2.94
CA ASP B 327 -11.87 -31.03 -3.32
C ASP B 327 -10.78 -31.44 -4.25
N PHE B 328 -10.38 -30.53 -5.13
CA PHE B 328 -9.30 -30.81 -6.01
C PHE B 328 -7.99 -30.94 -5.32
N LEU B 329 -7.69 -30.01 -4.40
CA LEU B 329 -6.43 -30.07 -3.67
C LEU B 329 -6.40 -31.28 -2.71
N ARG B 330 -7.57 -31.71 -2.24
CA ARG B 330 -7.66 -32.85 -1.37
C ARG B 330 -7.71 -34.20 -2.13
N SER B 331 -7.78 -34.16 -3.45
CA SER B 331 -7.92 -35.35 -4.27
C SER B 331 -6.56 -36.07 -4.37
N GLU B 332 -6.65 -37.33 -4.71
CA GLU B 332 -5.47 -38.13 -4.81
C GLU B 332 -4.38 -37.57 -5.76
N PRO B 333 -4.72 -37.17 -6.94
CA PRO B 333 -3.67 -36.70 -7.81
C PRO B 333 -2.91 -35.51 -7.22
N TYR B 334 -3.65 -34.56 -6.66
CA TYR B 334 -3.00 -33.38 -6.11
C TYR B 334 -2.20 -33.78 -4.89
N GLU B 335 -2.78 -34.56 -3.98
CA GLU B 335 -2.04 -34.95 -2.76
C GLU B 335 -0.82 -35.76 -3.10
N LYS B 336 -0.97 -36.70 -4.03
CA LYS B 336 0.23 -37.50 -4.38
C LYS B 336 1.31 -36.68 -5.02
N TYR B 337 0.92 -35.74 -5.85
CA TYR B 337 1.89 -34.83 -6.47
C TYR B 337 2.64 -34.01 -5.40
N MET B 338 1.90 -33.52 -4.40
CA MET B 338 2.53 -32.75 -3.35
C MET B 338 3.53 -33.60 -2.53
N GLN B 339 3.16 -34.82 -2.22
CA GLN B 339 4.06 -35.71 -1.50
C GLN B 339 5.34 -35.98 -2.30
N TYR B 340 5.19 -36.12 -3.63
CA TYR B 340 6.32 -36.32 -4.50
C TYR B 340 7.23 -35.09 -4.54
N LEU B 341 6.66 -33.91 -4.61
CA LEU B 341 7.50 -32.70 -4.58
C LEU B 341 8.13 -32.48 -3.19
N GLU B 342 7.40 -32.86 -2.15
CA GLU B 342 7.94 -32.84 -0.77
C GLU B 342 9.24 -33.68 -0.74
N GLU B 343 9.15 -34.90 -1.26
CA GLU B 343 10.30 -35.80 -1.32
C GLU B 343 11.42 -35.27 -2.16
N LYS B 344 11.15 -34.63 -3.29
CA LYS B 344 12.25 -34.02 -4.02
C LYS B 344 12.97 -32.89 -3.28
N GLY B 345 12.31 -32.21 -2.36
CA GLY B 345 13.00 -31.14 -1.62
C GLY B 345 13.11 -29.83 -2.33
N GLY B 346 12.56 -29.71 -3.53
CA GLY B 346 12.70 -28.47 -4.31
C GLY B 346 12.04 -27.23 -3.69
N PHE B 347 11.14 -27.42 -2.73
CA PHE B 347 10.60 -26.24 -2.03
C PHE B 347 11.69 -25.51 -1.29
N TYR B 348 12.75 -26.26 -0.95
CA TYR B 348 13.88 -25.72 -0.21
C TYR B 348 15.20 -25.68 -1.01
N TYR B 349 15.53 -26.73 -1.74
CA TYR B 349 16.74 -26.73 -2.53
C TYR B 349 16.62 -25.83 -3.71
N GLU B 350 15.41 -25.57 -4.19
CA GLU B 350 15.18 -24.55 -5.22
C GLU B 350 14.16 -23.60 -4.59
N ARG B 351 13.44 -22.81 -5.39
CA ARG B 351 12.52 -21.77 -4.81
C ARG B 351 11.12 -21.94 -5.36
N TRP B 352 10.63 -23.19 -5.31
CA TRP B 352 9.39 -23.56 -5.98
C TRP B 352 8.23 -22.79 -5.36
N GLY B 353 7.61 -21.93 -6.16
CA GLY B 353 6.47 -21.15 -5.66
C GLY B 353 5.16 -21.97 -5.67
N ASP B 354 4.25 -21.63 -4.79
CA ASP B 354 2.92 -22.24 -4.79
C ASP B 354 2.21 -22.05 -6.12
N ALA B 355 2.46 -20.94 -6.80
CA ALA B 355 1.82 -20.68 -8.07
C ALA B 355 2.15 -21.70 -9.17
N PRO B 356 3.42 -21.82 -9.59
CA PRO B 356 3.68 -22.88 -10.58
C PRO B 356 3.29 -24.30 -10.12
N VAL B 357 3.46 -24.58 -8.85
CA VAL B 357 3.06 -25.90 -8.33
C VAL B 357 1.57 -26.13 -8.52
N ARG B 358 0.76 -25.15 -8.11
CA ARG B 358 -0.68 -25.26 -8.21
C ARG B 358 -1.07 -25.37 -9.65
N SER B 359 -0.44 -24.53 -10.48
CA SER B 359 -0.76 -24.44 -11.86
C SER B 359 -0.42 -25.71 -12.62
N LEU B 360 0.72 -26.30 -12.33
CA LEU B 360 1.08 -27.57 -12.96
C LEU B 360 0.02 -28.63 -12.65
N ALA B 361 -0.37 -28.74 -11.40
CA ALA B 361 -1.31 -29.75 -10.98
C ALA B 361 -2.70 -29.55 -11.63
N LEU B 362 -3.12 -28.28 -11.73
CA LEU B 362 -4.37 -27.93 -12.35
C LEU B 362 -4.33 -28.21 -13.84
N ALA B 363 -3.22 -27.83 -14.50
CA ALA B 363 -3.06 -28.08 -15.91
C ALA B 363 -3.04 -29.56 -16.26
N LEU B 364 -2.44 -30.39 -15.41
CA LEU B 364 -2.20 -31.76 -15.75
C LEU B 364 -3.34 -32.69 -15.35
N PHE B 365 -3.94 -32.45 -14.21
CA PHE B 365 -4.83 -33.42 -13.52
C PHE B 365 -6.29 -33.03 -13.56
N ALA B 366 -6.59 -31.95 -14.28
CA ALA B 366 -7.97 -31.55 -14.40
C ALA B 366 -8.28 -31.13 -15.79
N ASP B 367 -9.55 -31.17 -16.11
CA ASP B 367 -10.04 -30.62 -17.39
C ASP B 367 -9.97 -29.12 -17.39
N LYS B 368 -9.33 -28.56 -18.40
CA LYS B 368 -9.08 -27.13 -18.39
C LYS B 368 -10.34 -26.30 -18.43
N SER B 369 -11.41 -26.90 -18.92
CA SER B 369 -12.66 -26.22 -19.06
C SER B 369 -13.28 -25.98 -17.71
N SER B 370 -12.75 -26.63 -16.67
CA SER B 370 -13.20 -26.43 -15.33
C SER B 370 -12.37 -25.29 -14.61
N ILE B 371 -11.49 -24.60 -15.33
CA ILE B 371 -10.66 -23.55 -14.78
C ILE B 371 -11.14 -22.25 -15.39
N HIS B 372 -11.67 -21.38 -14.53
CA HIS B 372 -12.34 -20.19 -14.97
C HIS B 372 -11.58 -18.91 -14.86
N TRP B 373 -11.51 -18.14 -15.94
CA TRP B 373 -10.86 -16.85 -15.92
C TRP B 373 -11.90 -15.84 -15.55
N PHE B 374 -11.76 -15.27 -14.35
CA PHE B 374 -12.74 -14.25 -13.86
C PHE B 374 -12.48 -12.90 -14.45
N ARG B 375 -12.77 -12.80 -15.72
CA ARG B 375 -12.49 -11.57 -16.45
C ARG B 375 -13.14 -10.36 -15.76
N ASP B 376 -14.29 -10.59 -15.12
CA ASP B 376 -15.15 -9.54 -14.52
C ASP B 376 -14.63 -8.99 -13.18
N ILE B 377 -13.71 -9.74 -12.55
CA ILE B 377 -13.08 -9.31 -11.33
C ILE B 377 -11.88 -8.43 -11.60
N GLY B 378 -12.13 -7.14 -11.65
CA GLY B 378 -11.10 -6.16 -11.75
C GLY B 378 -10.23 -6.25 -10.52
N TYR B 379 -8.95 -6.36 -10.73
CA TYR B 379 -8.03 -6.76 -9.65
C TYR B 379 -6.64 -6.26 -9.95
N HIS B 380 -5.94 -5.87 -8.89
CA HIS B 380 -4.57 -5.43 -8.99
C HIS B 380 -3.77 -5.85 -7.78
N HIS B 381 -2.60 -6.35 -8.07
CA HIS B 381 -1.55 -6.52 -7.10
C HIS B 381 -0.30 -6.10 -7.86
N THR B 382 0.49 -5.20 -7.27
CA THR B 382 1.69 -4.70 -7.94
C THR B 382 2.53 -5.83 -8.53
N PRO B 383 2.91 -5.82 -9.79
CA PRO B 383 2.71 -4.70 -10.77
C PRO B 383 1.65 -4.91 -11.87
N TYR B 384 0.76 -5.88 -11.68
CA TYR B 384 -0.16 -6.25 -12.68
C TYR B 384 -1.63 -5.98 -12.32
N THR B 385 -2.42 -5.78 -13.33
CA THR B 385 -3.85 -5.45 -13.18
C THR B 385 -4.64 -6.17 -14.23
N ASN B 386 -5.68 -6.85 -13.81
CA ASN B 386 -6.75 -7.22 -14.68
C ASN B 386 -7.91 -6.17 -14.60
N CYS B 387 -8.11 -5.40 -15.69
CA CYS B 387 -9.08 -4.31 -15.71
C CYS B 387 -10.01 -4.44 -16.90
N PRO B 388 -11.20 -5.00 -16.66
CA PRO B 388 -12.09 -5.21 -17.76
C PRO B 388 -12.79 -3.93 -18.21
N THR B 389 -13.47 -4.01 -19.34
CA THR B 389 -14.19 -2.94 -19.94
C THR B 389 -15.67 -3.19 -19.66
N CYS B 390 -16.40 -2.12 -19.32
CA CYS B 390 -17.86 -2.12 -19.12
C CYS B 390 -18.61 -1.51 -20.27
N PRO B 391 -19.87 -1.92 -20.47
CA PRO B 391 -20.71 -1.08 -21.34
C PRO B 391 -20.69 0.39 -20.94
N ALA B 392 -20.89 1.26 -21.89
CA ALA B 392 -20.78 2.73 -21.65
C ALA B 392 -21.69 3.21 -20.55
N ASP B 393 -22.87 2.63 -20.37
CA ASP B 393 -23.67 3.24 -19.30
C ASP B 393 -23.48 2.69 -17.90
N SER B 394 -22.38 1.97 -17.67
CA SER B 394 -22.34 1.06 -16.52
C SER B 394 -21.45 1.67 -15.48
N ASP B 395 -21.87 1.59 -14.24
CA ASP B 395 -21.01 1.97 -13.14
C ASP B 395 -20.53 0.70 -12.36
N ARG B 396 -20.50 -0.48 -12.99
CA ARG B 396 -20.00 -1.70 -12.31
C ARG B 396 -18.52 -1.53 -11.81
N CYS B 397 -17.66 -0.92 -12.63
CA CYS B 397 -16.31 -0.73 -12.23
C CYS B 397 -16.12 0.69 -11.71
N ASN B 398 -15.21 0.88 -10.78
CA ASN B 398 -15.13 2.15 -10.10
C ASN B 398 -14.24 3.11 -10.81
N GLY B 399 -13.63 2.73 -11.94
CA GLY B 399 -12.89 3.73 -12.70
C GLY B 399 -11.50 3.91 -12.19
N ASN B 400 -11.07 3.15 -11.17
CA ASN B 400 -9.67 3.27 -10.71
C ASN B 400 -8.70 2.38 -11.39
N CYS B 401 -9.12 1.63 -12.42
CA CYS B 401 -8.14 1.01 -13.31
C CYS B 401 -8.41 1.38 -14.76
N VAL B 402 -7.37 1.39 -15.58
CA VAL B 402 -7.46 1.68 -16.98
C VAL B 402 -7.74 0.36 -17.69
N PRO B 403 -8.89 0.25 -18.36
CA PRO B 403 -9.28 -0.99 -19.03
C PRO B 403 -8.17 -1.57 -19.92
N GLY B 404 -7.81 -2.80 -19.66
CA GLY B 404 -6.87 -3.47 -20.52
C GLY B 404 -5.43 -3.14 -20.28
N LYS B 405 -5.16 -2.28 -19.32
CA LYS B 405 -3.77 -1.93 -19.04
C LYS B 405 -3.24 -2.90 -18.00
N PHE B 406 -2.50 -3.87 -18.52
CA PHE B 406 -1.98 -5.01 -17.76
C PHE B 406 -0.94 -4.54 -16.77
N THR B 407 -0.08 -3.63 -17.17
CA THR B 407 0.98 -3.11 -16.29
C THR B 407 1.40 -1.77 -16.86
N PRO B 408 1.90 -0.85 -16.02
CA PRO B 408 2.34 0.44 -16.58
C PRO B 408 3.77 0.38 -17.16
N TRP B 409 4.47 -0.71 -16.91
CA TRP B 409 5.83 -0.86 -17.36
C TRP B 409 5.90 -1.84 -18.53
N SER B 410 5.96 -1.30 -19.72
CA SER B 410 5.89 -2.12 -20.91
C SER B 410 6.97 -3.20 -20.97
N ASP B 411 8.09 -3.05 -20.26
CA ASP B 411 9.08 -4.15 -20.22
C ASP B 411 8.53 -5.44 -19.58
N LEU B 412 7.45 -5.33 -18.83
CA LEU B 412 6.84 -6.52 -18.18
C LEU B 412 5.80 -7.17 -19.03
N ASP B 413 5.51 -6.57 -20.19
CA ASP B 413 4.45 -7.09 -21.05
C ASP B 413 4.68 -8.53 -21.42
N ASN B 414 5.93 -8.92 -21.56
CA ASN B 414 6.23 -10.30 -21.90
C ASN B 414 6.16 -11.27 -20.74
N GLN B 415 5.79 -10.80 -19.55
CA GLN B 415 5.45 -11.66 -18.44
C GLN B 415 4.00 -12.11 -18.48
N ASN B 416 3.20 -11.54 -19.37
CA ASN B 416 1.80 -11.91 -19.49
C ASN B 416 1.63 -13.22 -20.27
N CYS B 417 0.95 -14.20 -19.69
CA CYS B 417 0.71 -15.45 -20.37
C CYS B 417 -0.78 -15.58 -20.72
N GLN B 418 -1.54 -14.54 -20.52
CA GLN B 418 -2.98 -14.68 -20.73
C GLN B 418 -3.34 -15.05 -22.15
N ALA B 419 -2.62 -14.53 -23.14
CA ALA B 419 -2.91 -14.83 -24.51
C ALA B 419 -2.79 -16.32 -24.83
N THR B 420 -1.79 -16.95 -24.25
CA THR B 420 -1.65 -18.37 -24.41
C THR B 420 -2.85 -19.05 -23.83
N TRP B 421 -3.32 -18.59 -22.66
CA TRP B 421 -4.49 -19.20 -22.07
C TRP B 421 -5.72 -19.03 -23.00
N ILE B 422 -5.92 -17.83 -23.51
CA ILE B 422 -7.05 -17.57 -24.40
C ILE B 422 -6.97 -18.43 -25.65
N ARG B 423 -5.77 -18.45 -26.25
CA ARG B 423 -5.63 -19.14 -27.50
C ARG B 423 -5.82 -20.67 -27.36
N HIS B 424 -5.35 -21.25 -26.27
CA HIS B 424 -5.27 -22.70 -26.21
C HIS B 424 -6.04 -23.31 -25.09
N SER B 425 -6.38 -22.59 -24.07
CA SER B 425 -6.92 -23.28 -22.90
C SER B 425 -8.38 -23.05 -22.65
N MET B 426 -8.92 -21.97 -23.20
CA MET B 426 -10.30 -21.67 -22.95
C MET B 426 -11.17 -22.55 -23.84
N SER B 427 -11.98 -23.35 -23.16
CA SER B 427 -13.04 -24.18 -23.75
C SER B 427 -14.02 -23.36 -24.55
N GLU B 428 -14.80 -24.07 -25.37
CA GLU B 428 -15.86 -23.42 -26.13
C GLU B 428 -16.78 -22.61 -25.20
N GLU B 429 -17.06 -23.12 -24.01
CA GLU B 429 -17.95 -22.45 -23.07
C GLU B 429 -17.29 -21.20 -22.51
N GLU B 430 -16.07 -21.35 -22.03
CA GLU B 430 -15.37 -20.23 -21.43
C GLU B 430 -15.23 -19.09 -22.43
N LEU B 431 -14.87 -19.40 -23.68
CA LEU B 431 -14.71 -18.36 -24.67
C LEU B 431 -15.94 -17.45 -24.83
N GLU B 432 -17.14 -17.96 -24.59
CA GLU B 432 -18.36 -17.16 -24.83
C GLU B 432 -19.00 -16.81 -23.50
N MET B 433 -18.33 -17.10 -22.41
CA MET B 433 -18.98 -16.92 -21.15
C MET B 433 -19.18 -15.47 -20.68
N TYR B 434 -18.51 -14.50 -21.28
CA TYR B 434 -18.69 -13.11 -20.88
C TYR B 434 -19.03 -12.28 -22.12
#